data_3NW3
#
_entry.id   3NW3
#
_cell.length_a   87.170
_cell.length_b   102.000
_cell.length_c   161.600
_cell.angle_alpha   90.00
_cell.angle_beta   90.00
_cell.angle_gamma   90.00
#
_symmetry.space_group_name_H-M   'I 2 2 2'
#
loop_
_entity.id
_entity.type
_entity.pdbx_description
1 polymer 'Peptidoglycan recognition protein 1'
2 non-polymer 2-acetamido-2-deoxy-alpha-D-glucopyranose
3 non-polymer 'L(+)-TARTARIC ACID'
4 non-polymer GLYCEROL
5 non-polymer D-GLUTAMINE
6 non-polymer ALANINE
7 non-polymer 'LACTIC ACID'
8 water water
#
_entity_poly.entity_id   1
_entity_poly.type   'polypeptide(L)'
_entity_poly.pdbx_seq_one_letter_code
;EDPPACGSIVPRREWRALASECRERLTRPVRYVVVSHTAGSHCDTPASCAQQAQNVQSYHVRNLGWCDVGYNFLIGEDGL
VYEGRGWNIKGAHAGPTWNPISIGISFMGNYMNRVPPPRALRAAQNLLACGVALGALRSNYEVKGHRDVQPTLSPGDRLY
EIIQTWSHYRA
;
_entity_poly.pdbx_strand_id   A,B,C,D
#
loop_
_chem_comp.id
_chem_comp.type
_chem_comp.name
_chem_comp.formula
GOL non-polymer GLYCEROL 'C3 H8 O3'
LAC non-polymer 'LACTIC ACID' 'C3 H6 O3'
NDG D-saccharide, alpha linking 2-acetamido-2-deoxy-alpha-D-glucopyranose 'C8 H15 N O6'
TLA non-polymer 'L(+)-TARTARIC ACID' 'C4 H6 O6'
#
# COMPACT_ATOMS: atom_id res chain seq x y z
N GLU A 1 -19.88 -5.21 -7.85
CA GLU A 1 -19.89 -4.88 -6.39
C GLU A 1 -19.23 -3.52 -6.12
N ASP A 2 -18.25 -3.16 -6.95
CA ASP A 2 -17.62 -1.84 -6.90
C ASP A 2 -17.81 -1.13 -8.24
N PRO A 3 -18.90 -0.32 -8.36
CA PRO A 3 -19.42 0.30 -9.58
C PRO A 3 -18.43 0.82 -10.64
N PRO A 4 -17.63 1.86 -10.33
CA PRO A 4 -16.89 2.53 -11.42
C PRO A 4 -15.76 1.68 -12.01
N ALA A 5 -15.70 1.65 -13.35
CA ALA A 5 -14.62 0.98 -14.07
C ALA A 5 -13.32 1.77 -13.95
N CYS A 6 -12.27 0.97 -14.37
CA CYS A 6 -10.95 1.56 -14.11
C CYS A 6 -9.75 1.58 -15.10
N GLY A 7 -8.87 2.54 -14.86
CA GLY A 7 -7.66 2.72 -15.66
C GLY A 7 -7.83 2.75 -17.17
N SER A 8 -6.71 2.69 -17.88
CA SER A 8 -6.71 2.70 -19.33
C SER A 8 -6.03 1.47 -19.90
N ILE A 9 -6.79 0.40 -19.95
CA ILE A 9 -6.33 -0.87 -20.46
C ILE A 9 -6.75 -1.02 -21.93
N VAL A 10 -5.83 -1.48 -22.77
CA VAL A 10 -6.18 -1.70 -24.16
C VAL A 10 -6.80 -3.08 -24.10
N PRO A 11 -8.11 -3.17 -24.38
CA PRO A 11 -8.74 -4.50 -24.31
C PRO A 11 -8.29 -5.41 -25.45
N ARG A 12 -8.69 -6.68 -25.36
CA ARG A 12 -8.31 -7.68 -26.37
C ARG A 12 -8.69 -7.32 -27.80
N ARG A 13 -10.00 -7.17 -28.03
CA ARG A 13 -10.50 -6.87 -29.36
C ARG A 13 -9.71 -5.74 -30.02
N GLU A 14 -9.03 -4.91 -29.22
CA GLU A 14 -8.27 -3.80 -29.77
C GLU A 14 -6.83 -4.10 -30.17
N TRP A 15 -6.18 -5.04 -29.50
CA TRP A 15 -4.83 -5.37 -29.93
C TRP A 15 -4.92 -6.66 -30.74
N ARG A 16 -6.16 -6.90 -31.20
CA ARG A 16 -6.53 -8.03 -32.03
C ARG A 16 -6.11 -9.40 -31.49
N ALA A 17 -6.40 -9.63 -30.22
CA ALA A 17 -6.06 -10.89 -29.55
C ALA A 17 -6.87 -12.11 -29.97
N LEU A 18 -6.19 -13.24 -30.09
CA LEU A 18 -6.84 -14.51 -30.44
C LEU A 18 -7.75 -14.77 -29.25
N ALA A 19 -8.82 -15.52 -29.48
CA ALA A 19 -9.74 -15.84 -28.40
C ALA A 19 -8.98 -16.67 -27.37
N SER A 20 -9.46 -16.65 -26.14
CA SER A 20 -8.84 -17.39 -25.06
C SER A 20 -9.57 -18.71 -24.87
N GLU A 21 -8.80 -19.77 -24.63
CA GLU A 21 -9.38 -21.07 -24.39
C GLU A 21 -9.10 -21.43 -22.93
N CYS A 22 -8.99 -20.39 -22.10
CA CYS A 22 -8.72 -20.57 -20.67
C CYS A 22 -10.02 -20.52 -19.88
N ARG A 23 -10.14 -21.38 -18.87
CA ARG A 23 -11.35 -21.42 -18.05
C ARG A 23 -11.11 -21.45 -16.53
N GLU A 24 -9.98 -21.98 -16.08
CA GLU A 24 -9.70 -22.02 -14.64
C GLU A 24 -9.62 -20.58 -14.07
N ARG A 25 -10.52 -20.26 -13.12
CA ARG A 25 -10.59 -18.92 -12.51
C ARG A 25 -9.74 -18.68 -11.27
N LEU A 26 -9.62 -17.41 -10.90
CA LEU A 26 -8.87 -17.00 -9.73
C LEU A 26 -9.82 -16.59 -8.62
N THR A 27 -9.46 -16.92 -7.38
CA THR A 27 -10.27 -16.53 -6.25
C THR A 27 -9.93 -15.07 -5.98
N ARG A 28 -10.93 -14.20 -6.02
CA ARG A 28 -10.76 -12.77 -5.76
C ARG A 28 -11.02 -12.59 -4.25
N PRO A 29 -10.28 -11.69 -3.57
CA PRO A 29 -9.20 -10.87 -4.11
C PRO A 29 -7.88 -11.64 -4.10
N VAL A 30 -7.08 -11.39 -5.11
CA VAL A 30 -5.79 -12.05 -5.27
C VAL A 30 -4.79 -11.33 -4.38
N ARG A 31 -3.86 -12.07 -3.79
CA ARG A 31 -2.88 -11.50 -2.87
C ARG A 31 -1.55 -11.06 -3.46
N TYR A 32 -1.07 -11.77 -4.47
CA TYR A 32 0.23 -11.44 -5.04
C TYR A 32 0.23 -10.94 -6.47
N VAL A 33 1.30 -10.23 -6.83
CA VAL A 33 1.49 -9.72 -8.17
C VAL A 33 2.95 -10.02 -8.47
N VAL A 34 3.20 -10.73 -9.55
CA VAL A 34 4.57 -11.04 -9.89
C VAL A 34 4.92 -10.30 -11.16
N VAL A 35 5.95 -9.48 -11.06
CA VAL A 35 6.40 -8.67 -12.16
C VAL A 35 7.49 -9.36 -12.98
N SER A 36 7.25 -9.47 -14.29
CA SER A 36 8.18 -10.10 -15.20
C SER A 36 8.41 -9.21 -16.44
N HIS A 37 9.37 -9.61 -17.27
CA HIS A 37 9.61 -8.89 -18.50
C HIS A 37 9.56 -10.01 -19.53
N THR A 38 9.09 -9.70 -20.73
CA THR A 38 8.97 -10.66 -21.80
C THR A 38 10.32 -11.12 -22.31
N ALA A 39 11.28 -10.20 -22.23
CA ALA A 39 12.65 -10.46 -22.68
C ALA A 39 12.66 -10.53 -24.19
N GLY A 40 11.58 -10.04 -24.80
CA GLY A 40 11.46 -10.01 -26.24
C GLY A 40 11.68 -8.56 -26.67
N SER A 41 11.04 -8.13 -27.74
CA SER A 41 11.20 -6.76 -28.25
C SER A 41 10.39 -5.70 -27.51
N HIS A 42 10.94 -4.49 -27.39
CA HIS A 42 10.20 -3.42 -26.75
C HIS A 42 9.53 -2.64 -27.88
N CYS A 43 8.54 -1.82 -27.54
CA CYS A 43 7.77 -1.06 -28.52
C CYS A 43 7.34 0.23 -27.85
N ASP A 44 7.32 1.34 -28.58
CA ASP A 44 6.92 2.59 -27.96
C ASP A 44 5.84 3.38 -28.69
N THR A 45 4.96 2.68 -29.37
CA THR A 45 3.85 3.31 -30.08
C THR A 45 2.70 2.32 -29.97
N PRO A 46 1.48 2.81 -29.77
CA PRO A 46 0.31 1.94 -29.66
C PRO A 46 0.28 0.82 -30.70
N ALA A 47 0.61 1.15 -31.94
CA ALA A 47 0.60 0.17 -33.04
C ALA A 47 1.69 -0.90 -32.93
N SER A 48 2.90 -0.51 -32.55
CA SER A 48 3.97 -1.48 -32.44
C SER A 48 3.78 -2.35 -31.20
N CYS A 49 3.17 -1.77 -30.18
CA CYS A 49 2.93 -2.46 -28.94
C CYS A 49 1.73 -3.39 -29.03
N ALA A 50 0.76 -3.04 -29.87
CA ALA A 50 -0.41 -3.91 -30.05
C ALA A 50 0.13 -5.16 -30.72
N GLN A 51 1.08 -4.94 -31.62
CA GLN A 51 1.71 -6.01 -32.36
C GLN A 51 2.47 -6.94 -31.43
N GLN A 52 3.31 -6.35 -30.59
CA GLN A 52 4.12 -7.11 -29.64
C GLN A 52 3.25 -7.97 -28.74
N ALA A 53 2.10 -7.44 -28.34
CA ALA A 53 1.20 -8.21 -27.50
C ALA A 53 0.81 -9.44 -28.29
N GLN A 54 0.38 -9.21 -29.52
CA GLN A 54 -0.03 -10.27 -30.43
C GLN A 54 1.10 -11.30 -30.54
N ASN A 55 2.34 -10.82 -30.71
CA ASN A 55 3.51 -11.68 -30.81
C ASN A 55 3.65 -12.54 -29.58
N VAL A 56 3.58 -11.90 -28.42
CA VAL A 56 3.70 -12.64 -27.18
C VAL A 56 2.53 -13.62 -27.01
N GLN A 57 1.30 -13.20 -27.28
CA GLN A 57 0.17 -14.13 -27.13
C GLN A 57 0.42 -15.35 -28.01
N SER A 58 0.57 -15.10 -29.30
CA SER A 58 0.80 -16.14 -30.29
C SER A 58 1.90 -17.14 -29.91
N TYR A 59 3.02 -16.66 -29.37
CA TYR A 59 4.11 -17.54 -29.00
C TYR A 59 3.74 -18.46 -27.82
N HIS A 60 2.87 -17.99 -26.94
CA HIS A 60 2.44 -18.78 -25.80
C HIS A 60 1.41 -19.81 -26.26
N VAL A 61 0.55 -19.40 -27.18
CA VAL A 61 -0.49 -20.28 -27.69
C VAL A 61 -0.02 -21.25 -28.75
N ARG A 62 0.30 -20.72 -29.93
CA ARG A 62 0.75 -21.56 -31.05
C ARG A 62 2.00 -22.41 -30.75
N ASN A 63 3.00 -21.86 -30.08
CA ASN A 63 4.23 -22.60 -29.78
C ASN A 63 4.31 -23.35 -28.46
N LEU A 64 3.88 -22.73 -27.36
CA LEU A 64 3.93 -23.41 -26.08
C LEU A 64 2.64 -24.18 -25.83
N GLY A 65 1.61 -23.85 -26.61
CA GLY A 65 0.35 -24.55 -26.49
C GLY A 65 -0.51 -24.16 -25.31
N TRP A 66 -0.37 -22.94 -24.81
CA TRP A 66 -1.17 -22.49 -23.67
C TRP A 66 -2.51 -21.90 -24.07
N CYS A 67 -3.52 -22.09 -23.22
CA CYS A 67 -4.89 -21.62 -23.49
C CYS A 67 -5.01 -20.13 -23.84
N ASP A 68 -4.04 -19.32 -23.45
CA ASP A 68 -4.01 -17.89 -23.78
C ASP A 68 -2.64 -17.34 -23.44
N VAL A 69 -2.38 -16.08 -23.80
CA VAL A 69 -1.09 -15.48 -23.45
C VAL A 69 -0.97 -15.69 -21.93
N GLY A 70 0.17 -16.19 -21.49
CA GLY A 70 0.37 -16.48 -20.08
C GLY A 70 0.23 -15.41 -19.01
N TYR A 71 0.39 -14.14 -19.39
CA TYR A 71 0.33 -13.04 -18.42
C TYR A 71 -1.08 -12.48 -18.24
N ASN A 72 -1.41 -12.05 -17.03
CA ASN A 72 -2.73 -11.48 -16.74
C ASN A 72 -2.84 -10.10 -17.41
N PHE A 73 -1.70 -9.41 -17.54
CA PHE A 73 -1.61 -8.08 -18.15
C PHE A 73 -0.22 -7.83 -18.71
N LEU A 74 -0.14 -7.03 -19.77
CA LEU A 74 1.14 -6.67 -20.38
C LEU A 74 1.29 -5.15 -20.42
N ILE A 75 2.52 -4.69 -20.26
CA ILE A 75 2.82 -3.25 -20.22
C ILE A 75 3.72 -2.82 -21.39
N GLY A 76 3.28 -1.82 -22.14
CA GLY A 76 4.07 -1.35 -23.27
C GLY A 76 4.93 -0.16 -22.86
N GLU A 77 5.97 0.14 -23.65
CA GLU A 77 6.80 1.28 -23.35
C GLU A 77 6.13 2.49 -24.00
N ASP A 78 4.96 2.24 -24.56
CA ASP A 78 4.17 3.29 -25.17
C ASP A 78 3.33 3.88 -24.02
N GLY A 79 3.43 3.24 -22.86
CA GLY A 79 2.74 3.69 -21.67
C GLY A 79 1.34 3.14 -21.46
N LEU A 80 0.98 2.09 -22.21
CA LEU A 80 -0.35 1.52 -22.09
C LEU A 80 -0.37 0.10 -21.53
N VAL A 81 -1.46 -0.25 -20.87
CA VAL A 81 -1.64 -1.58 -20.31
C VAL A 81 -2.43 -2.40 -21.33
N TYR A 82 -2.01 -3.65 -21.55
CA TYR A 82 -2.65 -4.54 -22.51
C TYR A 82 -3.29 -5.73 -21.80
N GLU A 83 -4.58 -5.90 -22.03
CA GLU A 83 -5.32 -6.97 -21.38
C GLU A 83 -4.86 -8.35 -21.82
N GLY A 84 -4.47 -9.15 -20.83
CA GLY A 84 -4.04 -10.51 -21.08
C GLY A 84 -5.21 -11.37 -20.65
N ARG A 85 -4.99 -12.27 -19.70
CA ARG A 85 -6.08 -13.10 -19.23
C ARG A 85 -6.97 -12.24 -18.34
N GLY A 86 -6.41 -11.13 -17.84
CA GLY A 86 -7.16 -10.25 -16.99
C GLY A 86 -7.12 -10.59 -15.50
N TRP A 87 -8.14 -10.10 -14.79
CA TRP A 87 -8.28 -10.27 -13.34
C TRP A 87 -8.88 -11.56 -12.83
N ASN A 88 -9.79 -12.15 -13.59
CA ASN A 88 -10.50 -13.34 -13.16
C ASN A 88 -9.92 -14.69 -13.57
N ILE A 89 -9.10 -14.70 -14.61
CA ILE A 89 -8.54 -15.95 -15.10
C ILE A 89 -7.13 -16.26 -14.61
N LYS A 90 -6.89 -17.51 -14.20
CA LYS A 90 -5.59 -17.92 -13.72
C LYS A 90 -4.64 -17.87 -14.91
N GLY A 91 -3.42 -17.40 -14.68
CA GLY A 91 -2.46 -17.32 -15.75
C GLY A 91 -1.32 -18.28 -15.54
N ALA A 92 -0.47 -18.36 -16.54
CA ALA A 92 0.69 -19.21 -16.49
C ALA A 92 1.93 -18.38 -16.69
N HIS A 93 2.55 -17.94 -15.60
CA HIS A 93 3.74 -17.11 -15.71
C HIS A 93 4.76 -17.30 -14.61
N ALA A 94 4.34 -17.87 -13.48
CA ALA A 94 5.26 -18.05 -12.36
C ALA A 94 5.31 -19.44 -11.70
N GLY A 95 4.77 -20.46 -12.35
CA GLY A 95 4.82 -21.78 -11.77
C GLY A 95 3.59 -22.18 -10.97
N PRO A 96 3.34 -23.49 -10.82
CA PRO A 96 2.20 -24.04 -10.09
C PRO A 96 1.97 -23.55 -8.66
N THR A 97 3.04 -23.13 -7.99
CA THR A 97 2.85 -22.64 -6.64
C THR A 97 2.12 -21.31 -6.71
N TRP A 98 2.69 -20.41 -7.51
CA TRP A 98 2.20 -19.05 -7.67
C TRP A 98 1.07 -18.74 -8.64
N ASN A 99 0.96 -19.47 -9.74
CA ASN A 99 -0.10 -19.17 -10.72
C ASN A 99 -1.55 -19.14 -10.22
N PRO A 100 -1.87 -19.94 -9.21
CA PRO A 100 -3.27 -19.87 -8.76
C PRO A 100 -3.54 -18.78 -7.73
N ILE A 101 -2.49 -18.28 -7.09
CA ILE A 101 -2.67 -17.25 -6.10
C ILE A 101 -2.13 -15.88 -6.49
N SER A 102 -1.83 -15.65 -7.76
CA SER A 102 -1.30 -14.35 -8.17
C SER A 102 -1.81 -13.77 -9.48
N ILE A 103 -1.35 -12.56 -9.74
CA ILE A 103 -1.63 -11.81 -10.96
C ILE A 103 -0.26 -11.60 -11.55
N GLY A 104 -0.06 -11.97 -12.81
CA GLY A 104 1.24 -11.76 -13.41
C GLY A 104 1.19 -10.65 -14.46
N ILE A 105 2.02 -9.63 -14.31
CA ILE A 105 2.06 -8.55 -15.30
C ILE A 105 3.46 -8.56 -15.87
N SER A 106 3.56 -8.43 -17.19
CA SER A 106 4.85 -8.45 -17.84
C SER A 106 5.10 -7.16 -18.62
N PHE A 107 6.32 -6.65 -18.49
CA PHE A 107 6.75 -5.45 -19.20
C PHE A 107 7.35 -5.97 -20.52
N MET A 108 6.76 -5.59 -21.65
CA MET A 108 7.24 -6.06 -22.95
C MET A 108 8.59 -5.48 -23.34
N GLY A 109 9.64 -6.26 -23.09
CA GLY A 109 10.99 -5.85 -23.41
C GLY A 109 11.97 -6.68 -22.60
N ASN A 110 13.24 -6.32 -22.68
CA ASN A 110 14.28 -6.95 -21.90
C ASN A 110 14.97 -5.89 -21.07
N TYR A 111 14.95 -6.03 -19.76
CA TYR A 111 15.40 -4.99 -18.87
C TYR A 111 16.64 -5.27 -18.05
N MET A 112 17.57 -6.02 -18.63
CA MET A 112 18.83 -6.34 -17.95
C MET A 112 19.67 -5.06 -18.03
N ASN A 113 19.67 -4.46 -19.22
CA ASN A 113 20.43 -3.25 -19.46
C ASN A 113 19.66 -1.98 -19.82
N ARG A 114 18.33 -2.02 -19.73
CA ARG A 114 17.49 -0.85 -20.02
C ARG A 114 16.51 -0.69 -18.88
N VAL A 115 16.14 0.54 -18.53
CA VAL A 115 15.12 0.71 -17.52
C VAL A 115 13.95 1.11 -18.40
N PRO A 116 12.74 0.73 -18.00
CA PRO A 116 11.63 1.14 -18.84
C PRO A 116 11.29 2.62 -18.60
N PRO A 117 10.59 3.26 -19.53
CA PRO A 117 10.26 4.67 -19.30
C PRO A 117 9.24 4.87 -18.16
N PRO A 118 9.29 6.05 -17.51
CA PRO A 118 8.39 6.38 -16.40
C PRO A 118 6.92 6.12 -16.70
N ARG A 119 6.52 6.38 -17.95
CA ARG A 119 5.13 6.16 -18.31
C ARG A 119 4.78 4.68 -18.24
N ALA A 120 5.77 3.80 -18.45
CA ALA A 120 5.52 2.36 -18.36
C ALA A 120 5.38 2.00 -16.88
N LEU A 121 6.29 2.52 -16.07
CA LEU A 121 6.23 2.30 -14.64
C LEU A 121 4.88 2.81 -14.14
N ARG A 122 4.53 4.04 -14.51
CA ARG A 122 3.26 4.65 -14.11
C ARG A 122 2.05 3.80 -14.49
N ALA A 123 2.04 3.29 -15.71
CA ALA A 123 0.92 2.46 -16.16
C ALA A 123 0.77 1.20 -15.28
N ALA A 124 1.89 0.59 -14.92
CA ALA A 124 1.83 -0.59 -14.08
C ALA A 124 1.29 -0.19 -12.69
N GLN A 125 1.92 0.81 -12.06
CA GLN A 125 1.48 1.27 -10.75
C GLN A 125 -0.01 1.58 -10.76
N ASN A 126 -0.48 2.20 -11.83
CA ASN A 126 -1.89 2.52 -11.88
C ASN A 126 -2.80 1.35 -12.18
N LEU A 127 -2.29 0.34 -12.87
CA LEU A 127 -3.08 -0.86 -13.15
C LEU A 127 -3.37 -1.56 -11.82
N LEU A 128 -2.38 -1.54 -10.93
CA LEU A 128 -2.52 -2.17 -9.63
C LEU A 128 -3.54 -1.52 -8.72
N ALA A 129 -3.57 -0.18 -8.70
CA ALA A 129 -4.53 0.55 -7.87
C ALA A 129 -5.93 0.22 -8.38
N CYS A 130 -6.04 0.02 -9.69
CA CYS A 130 -7.31 -0.34 -10.31
C CYS A 130 -7.73 -1.69 -9.77
N GLY A 131 -6.77 -2.63 -9.79
CA GLY A 131 -7.03 -3.96 -9.28
C GLY A 131 -7.61 -3.91 -7.89
N VAL A 132 -7.04 -3.05 -7.05
CA VAL A 132 -7.55 -2.89 -5.69
C VAL A 132 -8.94 -2.28 -5.77
N ALA A 133 -9.03 -1.08 -6.32
CA ALA A 133 -10.31 -0.39 -6.47
C ALA A 133 -11.41 -1.33 -6.98
N LEU A 134 -11.06 -2.26 -7.88
CA LEU A 134 -12.04 -3.20 -8.43
C LEU A 134 -12.34 -4.32 -7.47
N GLY A 135 -11.41 -4.60 -6.58
CA GLY A 135 -11.62 -5.68 -5.63
C GLY A 135 -11.00 -6.98 -6.15
N ALA A 136 -10.20 -6.86 -7.20
CA ALA A 136 -9.52 -8.04 -7.76
C ALA A 136 -8.22 -8.31 -6.99
N LEU A 137 -7.59 -7.26 -6.46
CA LEU A 137 -6.36 -7.39 -5.69
C LEU A 137 -6.66 -6.93 -4.27
N ARG A 138 -6.09 -7.60 -3.27
CA ARG A 138 -6.30 -7.20 -1.89
C ARG A 138 -5.70 -5.83 -1.65
N SER A 139 -6.35 -5.01 -0.82
CA SER A 139 -5.82 -3.69 -0.55
C SER A 139 -4.38 -3.80 -0.10
N ASN A 140 -4.04 -4.88 0.62
CA ASN A 140 -2.67 -5.07 1.08
C ASN A 140 -1.91 -6.10 0.23
N TYR A 141 -2.08 -6.00 -1.09
CA TYR A 141 -1.44 -6.91 -2.02
C TYR A 141 0.08 -6.80 -1.91
N GLU A 142 0.78 -7.84 -2.35
CA GLU A 142 2.24 -7.86 -2.31
C GLU A 142 2.79 -8.07 -3.72
N VAL A 143 3.76 -7.26 -4.11
CA VAL A 143 4.36 -7.43 -5.44
C VAL A 143 5.68 -8.19 -5.26
N LYS A 144 5.97 -9.12 -6.15
CA LYS A 144 7.21 -9.86 -6.06
C LYS A 144 7.88 -9.89 -7.41
N GLY A 145 9.21 -9.94 -7.40
CA GLY A 145 9.94 -10.02 -8.65
C GLY A 145 9.73 -11.44 -9.15
N HIS A 146 9.84 -11.65 -10.45
CA HIS A 146 9.66 -12.98 -10.99
C HIS A 146 10.73 -13.84 -10.36
N ARG A 147 11.92 -13.27 -10.24
CA ARG A 147 13.06 -13.97 -9.67
C ARG A 147 12.95 -14.29 -8.18
N ASP A 148 12.01 -13.67 -7.47
CA ASP A 148 11.86 -13.97 -6.04
C ASP A 148 10.93 -15.18 -5.81
N VAL A 149 10.40 -15.75 -6.90
CA VAL A 149 9.52 -16.90 -6.78
C VAL A 149 9.95 -17.98 -7.76
N GLN A 150 11.01 -17.69 -8.49
CA GLN A 150 11.54 -18.64 -9.46
C GLN A 150 12.97 -18.31 -9.82
N PRO A 151 13.71 -19.31 -10.31
CA PRO A 151 15.09 -19.10 -10.73
C PRO A 151 15.07 -18.49 -12.14
N THR A 152 15.48 -17.23 -12.22
CA THR A 152 15.50 -16.53 -13.49
C THR A 152 16.04 -15.12 -13.29
N LEU A 153 16.31 -14.44 -14.39
CA LEU A 153 16.83 -13.09 -14.32
C LEU A 153 15.63 -12.13 -14.26
N SER A 154 14.55 -12.55 -14.92
CA SER A 154 13.32 -11.77 -15.00
C SER A 154 12.97 -11.17 -13.63
N PRO A 155 12.43 -9.94 -13.61
CA PRO A 155 12.08 -9.05 -14.73
C PRO A 155 13.23 -8.27 -15.36
N GLY A 156 14.46 -8.70 -15.12
CA GLY A 156 15.60 -7.98 -15.65
C GLY A 156 16.19 -7.19 -14.49
N ASP A 157 17.51 -7.10 -14.43
CA ASP A 157 18.19 -6.41 -13.35
C ASP A 157 17.72 -4.99 -13.05
N ARG A 158 17.64 -4.18 -14.10
CA ARG A 158 17.23 -2.79 -13.96
C ARG A 158 15.80 -2.65 -13.48
N LEU A 159 14.87 -3.33 -14.16
CA LEU A 159 13.47 -3.29 -13.77
C LEU A 159 13.32 -3.88 -12.37
N TYR A 160 14.04 -4.98 -12.11
CA TYR A 160 13.99 -5.62 -10.80
C TYR A 160 14.37 -4.61 -9.75
N GLU A 161 15.52 -3.96 -9.93
CA GLU A 161 15.98 -2.95 -8.98
C GLU A 161 14.90 -1.91 -8.70
N ILE A 162 14.18 -1.50 -9.75
CA ILE A 162 13.13 -0.51 -9.58
C ILE A 162 11.99 -0.98 -8.69
N ILE A 163 11.31 -2.07 -9.06
CA ILE A 163 10.18 -2.54 -8.25
C ILE A 163 10.57 -2.79 -6.80
N GLN A 164 11.86 -2.94 -6.53
CA GLN A 164 12.26 -3.13 -5.13
C GLN A 164 11.99 -1.85 -4.34
N THR A 165 11.69 -0.76 -5.03
CA THR A 165 11.42 0.52 -4.39
C THR A 165 9.94 0.77 -4.14
N TRP A 166 9.09 0.04 -4.88
CA TRP A 166 7.64 0.19 -4.75
C TRP A 166 7.18 -0.16 -3.34
N SER A 167 6.14 0.49 -2.86
CA SER A 167 5.64 0.27 -1.50
C SER A 167 4.98 -1.08 -1.16
N HIS A 168 4.47 -1.81 -2.16
CA HIS A 168 3.85 -3.10 -1.87
C HIS A 168 4.81 -4.28 -2.13
N TYR A 169 6.10 -3.98 -2.21
CA TYR A 169 7.10 -5.01 -2.48
C TYR A 169 7.57 -5.81 -1.26
N ARG A 170 7.70 -7.11 -1.44
CA ARG A 170 8.16 -8.05 -0.41
C ARG A 170 9.03 -9.10 -1.11
N ALA A 171 10.30 -9.19 -0.72
CA ALA A 171 11.28 -10.11 -1.33
C ALA A 171 10.86 -11.56 -1.62
N GLU B 1 9.34 9.55 -4.11
CA GLU B 1 7.96 9.64 -3.54
C GLU B 1 7.30 8.26 -3.57
N ASP B 2 5.99 8.21 -3.31
CA ASP B 2 5.24 6.95 -3.40
C ASP B 2 3.82 7.03 -4.01
N PRO B 3 3.19 8.22 -4.01
CA PRO B 3 1.92 8.30 -4.74
C PRO B 3 2.04 9.02 -6.09
N PRO B 4 1.97 8.25 -7.20
CA PRO B 4 2.01 8.85 -8.53
C PRO B 4 0.62 9.30 -9.01
N ALA B 5 0.60 10.13 -10.05
CA ALA B 5 -0.66 10.66 -10.59
C ALA B 5 -1.56 9.56 -11.14
N CYS B 6 -2.82 9.57 -10.71
CA CYS B 6 -3.82 8.59 -11.16
C CYS B 6 -4.13 8.74 -12.64
N GLY B 7 -4.34 7.61 -13.31
CA GLY B 7 -4.68 7.59 -14.72
C GLY B 7 -3.52 7.83 -15.67
N SER B 8 -2.30 7.58 -15.17
CA SER B 8 -1.05 7.66 -15.95
C SER B 8 -0.86 9.00 -16.68
N ILE B 9 -1.05 10.17 -15.97
CA ILE B 9 -0.80 11.47 -16.58
C ILE B 9 0.69 11.71 -16.77
N VAL B 10 1.07 12.30 -17.90
CA VAL B 10 2.47 12.64 -18.14
C VAL B 10 2.70 13.95 -17.35
N PRO B 11 3.61 13.93 -16.36
CA PRO B 11 3.89 15.11 -15.53
C PRO B 11 4.45 16.27 -16.31
N ARG B 12 4.23 17.49 -15.80
CA ARG B 12 4.75 18.69 -16.44
C ARG B 12 6.20 18.47 -16.83
N ARG B 13 6.99 17.94 -15.89
CA ARG B 13 8.40 17.69 -16.14
C ARG B 13 8.72 16.69 -17.25
N GLU B 14 7.95 15.61 -17.38
CA GLU B 14 8.25 14.64 -18.42
C GLU B 14 8.08 15.24 -19.81
N TRP B 15 7.11 16.13 -20.00
CA TRP B 15 6.97 16.72 -21.33
C TRP B 15 7.80 18.01 -21.50
N ARG B 16 8.79 18.17 -20.62
CA ARG B 16 9.72 19.31 -20.59
C ARG B 16 9.13 20.71 -20.52
N ALA B 17 8.10 20.86 -19.71
CA ALA B 17 7.37 22.12 -19.53
C ALA B 17 8.08 23.28 -18.85
N LEU B 18 7.83 24.48 -19.36
CA LEU B 18 8.37 25.69 -18.79
C LEU B 18 7.62 25.83 -17.46
N ALA B 19 8.23 26.47 -16.47
CA ALA B 19 7.57 26.63 -15.18
C ALA B 19 6.36 27.55 -15.32
N SER B 20 5.39 27.37 -14.42
CA SER B 20 4.19 28.19 -14.44
C SER B 20 4.35 29.41 -13.53
N GLU B 21 3.66 30.50 -13.86
CA GLU B 21 3.71 31.71 -13.05
C GLU B 21 2.31 31.93 -12.49
N CYS B 22 1.40 31.02 -12.81
CA CYS B 22 0.00 31.15 -12.37
C CYS B 22 -0.16 30.99 -10.85
N ARG B 23 -1.07 31.76 -10.28
CA ARG B 23 -1.40 31.64 -8.88
C ARG B 23 -2.89 31.43 -8.60
N GLU B 24 -3.75 31.82 -9.52
CA GLU B 24 -5.19 31.71 -9.35
C GLU B 24 -5.69 30.26 -9.21
N ARG B 25 -6.09 29.88 -8.00
CA ARG B 25 -6.61 28.55 -7.76
C ARG B 25 -8.11 28.55 -8.07
N LEU B 26 -8.63 27.35 -8.35
CA LEU B 26 -10.05 27.13 -8.59
C LEU B 26 -10.29 26.36 -7.29
N THR B 27 -11.47 26.42 -6.72
CA THR B 27 -11.63 25.64 -5.52
C THR B 27 -12.39 24.37 -5.82
N ARG B 28 -11.67 23.27 -5.82
CA ARG B 28 -12.33 22.05 -6.13
C ARG B 28 -13.19 21.89 -4.91
N PRO B 29 -14.42 21.41 -5.02
CA PRO B 29 -15.09 20.72 -6.11
C PRO B 29 -15.53 21.56 -7.30
N VAL B 30 -14.98 21.28 -8.48
CA VAL B 30 -15.36 22.00 -9.68
C VAL B 30 -16.62 21.31 -10.20
N ARG B 31 -17.52 22.09 -10.76
CA ARG B 31 -18.78 21.57 -11.27
C ARG B 31 -18.77 21.11 -12.73
N TYR B 32 -18.03 21.83 -13.56
CA TYR B 32 -18.00 21.52 -14.99
C TYR B 32 -16.68 21.07 -15.59
N VAL B 33 -16.76 20.56 -16.82
CA VAL B 33 -15.62 20.12 -17.59
C VAL B 33 -15.87 20.54 -19.03
N VAL B 34 -14.95 21.32 -19.60
CA VAL B 34 -15.10 21.77 -20.98
C VAL B 34 -14.03 21.14 -21.87
N VAL B 35 -14.48 20.57 -22.99
CA VAL B 35 -13.62 19.90 -23.95
C VAL B 35 -13.33 20.69 -25.24
N SER B 36 -12.06 20.99 -25.47
CA SER B 36 -11.64 21.73 -26.66
C SER B 36 -10.61 20.88 -27.42
N HIS B 37 -10.31 21.27 -28.64
CA HIS B 37 -9.28 20.60 -29.38
C HIS B 37 -8.32 21.77 -29.47
N THR B 38 -7.03 21.53 -29.59
CA THR B 38 -6.08 22.65 -29.62
C THR B 38 -6.09 23.36 -30.95
N ALA B 39 -6.69 22.73 -31.95
CA ALA B 39 -6.76 23.30 -33.29
C ALA B 39 -5.36 23.31 -33.89
N GLY B 40 -4.41 22.70 -33.16
CA GLY B 40 -3.03 22.64 -33.59
C GLY B 40 -2.73 21.28 -34.21
N SER B 41 -1.46 20.91 -34.25
CA SER B 41 -1.06 19.62 -34.83
C SER B 41 -1.28 18.44 -33.88
N HIS B 42 -1.61 17.27 -34.45
CA HIS B 42 -1.80 16.09 -33.62
C HIS B 42 -0.54 15.22 -33.61
N CYS B 43 -0.52 14.26 -32.68
CA CYS B 43 0.63 13.36 -32.49
C CYS B 43 0.07 12.05 -31.98
N ASP B 44 0.69 10.92 -32.33
CA ASP B 44 0.18 9.64 -31.83
C ASP B 44 1.23 8.76 -31.16
N THR B 45 2.33 9.36 -30.72
CA THR B 45 3.38 8.64 -30.02
C THR B 45 3.80 9.51 -28.84
N PRO B 46 4.31 8.90 -27.77
CA PRO B 46 4.73 9.68 -26.61
C PRO B 46 5.78 10.76 -26.92
N ALA B 47 6.62 10.49 -27.90
CA ALA B 47 7.65 11.44 -28.27
C ALA B 47 7.05 12.69 -28.91
N SER B 48 6.31 12.49 -29.99
CA SER B 48 5.70 13.59 -30.72
C SER B 48 4.71 14.40 -29.88
N CYS B 49 4.06 13.72 -28.96
CA CYS B 49 3.07 14.36 -28.11
C CYS B 49 3.68 15.23 -27.02
N ALA B 50 4.90 14.90 -26.61
CA ALA B 50 5.56 15.70 -25.58
C ALA B 50 6.00 17.00 -26.24
N GLN B 51 6.40 16.91 -27.49
CA GLN B 51 6.84 18.09 -28.21
C GLN B 51 5.64 19.00 -28.45
N GLN B 52 4.50 18.40 -28.77
CA GLN B 52 3.30 19.19 -29.01
C GLN B 52 2.83 19.91 -27.75
N ALA B 53 2.84 19.23 -26.62
CA ALA B 53 2.41 19.87 -25.37
C ALA B 53 3.33 21.05 -25.10
N GLN B 54 4.58 20.87 -25.49
CA GLN B 54 5.63 21.87 -25.34
C GLN B 54 5.36 22.98 -26.35
N ASN B 55 4.93 22.58 -27.55
CA ASN B 55 4.61 23.50 -28.62
C ASN B 55 3.50 24.43 -28.20
N VAL B 56 2.39 23.83 -27.79
CA VAL B 56 1.23 24.58 -27.36
C VAL B 56 1.51 25.49 -26.17
N GLN B 57 2.28 25.00 -25.19
CA GLN B 57 2.60 25.83 -24.02
C GLN B 57 3.39 27.06 -24.47
N SER B 58 4.43 26.81 -25.25
CA SER B 58 5.29 27.86 -25.77
C SER B 58 4.44 28.93 -26.42
N TYR B 59 3.54 28.50 -27.31
CA TYR B 59 2.68 29.45 -28.00
C TYR B 59 1.92 30.33 -27.01
N HIS B 60 1.33 29.69 -26.01
CA HIS B 60 0.56 30.40 -25.00
C HIS B 60 1.39 31.27 -24.04
N VAL B 61 2.60 30.84 -23.73
CA VAL B 61 3.46 31.60 -22.81
C VAL B 61 4.35 32.63 -23.51
N ARG B 62 5.10 32.18 -24.50
CA ARG B 62 6.00 33.09 -25.22
C ARG B 62 5.27 34.09 -26.11
N ASN B 63 4.18 33.65 -26.73
CA ASN B 63 3.44 34.53 -27.63
C ASN B 63 2.23 35.28 -27.07
N LEU B 64 1.42 34.63 -26.22
CA LEU B 64 0.24 35.29 -25.67
C LEU B 64 0.47 35.85 -24.26
N GLY B 65 1.69 35.70 -23.75
CA GLY B 65 2.00 36.20 -22.43
C GLY B 65 1.33 35.53 -21.26
N TRP B 66 0.69 34.39 -21.49
CA TRP B 66 0.01 33.68 -20.41
C TRP B 66 0.98 33.17 -19.35
N CYS B 67 0.49 32.93 -18.14
CA CYS B 67 1.32 32.43 -17.05
C CYS B 67 1.70 30.96 -17.23
N ASP B 68 1.01 30.28 -18.13
CA ASP B 68 1.28 28.86 -18.40
C ASP B 68 0.41 28.43 -19.58
N VAL B 69 0.56 27.17 -20.02
CA VAL B 69 -0.25 26.68 -21.13
C VAL B 69 -1.69 26.83 -20.65
N GLY B 70 -2.59 27.19 -21.56
CA GLY B 70 -3.98 27.41 -21.19
C GLY B 70 -4.71 26.37 -20.35
N TYR B 71 -4.80 25.15 -20.86
CA TYR B 71 -5.54 24.05 -20.22
C TYR B 71 -5.06 23.39 -18.94
N ASN B 72 -6.01 22.70 -18.31
CA ASN B 72 -5.82 21.95 -17.08
C ASN B 72 -5.18 20.64 -17.53
N PHE B 73 -5.65 20.11 -18.65
CA PHE B 73 -5.13 18.86 -19.20
C PHE B 73 -5.24 18.78 -20.72
N LEU B 74 -4.28 18.08 -21.32
CA LEU B 74 -4.25 17.87 -22.76
C LEU B 74 -4.26 16.36 -22.98
N ILE B 75 -5.01 15.89 -23.98
CA ILE B 75 -5.09 14.46 -24.28
C ILE B 75 -4.28 14.18 -25.55
N GLY B 76 -3.65 13.01 -25.63
CA GLY B 76 -2.88 12.71 -26.82
C GLY B 76 -3.44 11.52 -27.58
N GLU B 77 -3.08 11.39 -28.85
CA GLU B 77 -3.58 10.27 -29.63
C GLU B 77 -2.83 9.01 -29.22
N ASP B 78 -1.73 9.17 -28.48
CA ASP B 78 -0.98 8.02 -28.02
C ASP B 78 -1.83 7.34 -26.93
N GLY B 79 -2.82 8.07 -26.43
CA GLY B 79 -3.70 7.53 -25.40
C GLY B 79 -3.24 7.95 -24.01
N LEU B 80 -2.41 8.98 -23.95
CA LEU B 80 -1.93 9.47 -22.66
C LEU B 80 -2.46 10.87 -22.39
N VAL B 81 -2.56 11.21 -21.12
CA VAL B 81 -3.04 12.51 -20.67
C VAL B 81 -1.81 13.33 -20.32
N TYR B 82 -1.82 14.62 -20.63
CA TYR B 82 -0.69 15.50 -20.34
C TYR B 82 -1.07 16.62 -19.39
N GLU B 83 -0.31 16.71 -18.30
CA GLU B 83 -0.57 17.72 -17.31
C GLU B 83 -0.28 19.15 -17.77
N GLY B 84 -1.31 19.98 -17.68
CA GLY B 84 -1.19 21.38 -18.03
C GLY B 84 -1.16 22.15 -16.72
N ARG B 85 -2.27 22.80 -16.39
CA ARG B 85 -2.31 23.55 -15.13
C ARG B 85 -2.80 22.63 -14.03
N GLY B 86 -3.20 21.41 -14.40
CA GLY B 86 -3.66 20.45 -13.43
C GLY B 86 -5.04 20.70 -12.83
N TRP B 87 -5.27 20.15 -11.64
CA TRP B 87 -6.56 20.27 -10.97
C TRP B 87 -6.79 21.60 -10.25
N ASN B 88 -5.78 22.07 -9.52
CA ASN B 88 -5.89 23.31 -8.72
C ASN B 88 -5.98 24.66 -9.43
N ILE B 89 -5.10 24.90 -10.40
CA ILE B 89 -5.03 26.19 -11.10
C ILE B 89 -6.12 26.56 -12.12
N LYS B 90 -6.63 27.78 -12.01
CA LYS B 90 -7.64 28.29 -12.95
C LYS B 90 -6.96 28.30 -14.32
N GLY B 91 -7.62 27.77 -15.34
CA GLY B 91 -7.01 27.76 -16.65
C GLY B 91 -7.66 28.73 -17.62
N ALA B 92 -6.94 29.05 -18.70
CA ALA B 92 -7.47 29.95 -19.72
C ALA B 92 -7.79 29.11 -20.96
N HIS B 93 -9.00 28.57 -21.01
CA HIS B 93 -9.39 27.73 -22.13
C HIS B 93 -10.78 28.05 -22.68
N ALA B 94 -11.62 28.69 -21.88
CA ALA B 94 -12.97 29.00 -22.33
C ALA B 94 -13.55 30.34 -21.87
N GLY B 95 -12.77 31.41 -21.98
CA GLY B 95 -13.26 32.73 -21.59
C GLY B 95 -13.44 33.05 -20.12
N PRO B 96 -13.78 34.32 -19.80
CA PRO B 96 -13.97 34.82 -18.43
C PRO B 96 -15.14 34.19 -17.66
N THR B 97 -16.09 33.59 -18.37
CA THR B 97 -17.23 32.97 -17.70
C THR B 97 -16.88 31.59 -17.13
N TRP B 98 -16.53 30.68 -18.03
CA TRP B 98 -16.23 29.31 -17.65
C TRP B 98 -14.83 28.98 -17.14
N ASN B 99 -13.84 29.83 -17.37
CA ASN B 99 -12.49 29.51 -16.87
C ASN B 99 -12.43 29.28 -15.35
N PRO B 100 -13.20 30.06 -14.58
CA PRO B 100 -13.19 29.90 -13.13
C PRO B 100 -14.11 28.79 -12.60
N ILE B 101 -15.01 28.29 -13.43
CA ILE B 101 -15.92 27.25 -12.96
C ILE B 101 -15.72 25.87 -13.56
N SER B 102 -14.90 25.74 -14.60
CA SER B 102 -14.70 24.44 -15.20
C SER B 102 -13.26 23.97 -15.31
N ILE B 103 -13.09 22.74 -15.79
CA ILE B 103 -11.77 22.15 -16.01
C ILE B 103 -11.65 21.97 -17.51
N GLY B 104 -10.61 22.58 -18.08
CA GLY B 104 -10.41 22.47 -19.51
C GLY B 104 -9.48 21.34 -19.92
N ILE B 105 -10.04 20.34 -20.58
CA ILE B 105 -9.24 19.25 -21.09
C ILE B 105 -9.30 19.40 -22.61
N SER B 106 -8.12 19.44 -23.23
CA SER B 106 -8.01 19.66 -24.67
C SER B 106 -7.37 18.52 -25.47
N PHE B 107 -8.07 18.05 -26.49
CA PHE B 107 -7.56 16.98 -27.35
C PHE B 107 -6.56 17.60 -28.33
N MET B 108 -5.33 17.07 -28.34
CA MET B 108 -4.27 17.61 -29.19
C MET B 108 -4.37 17.28 -30.68
N GLY B 109 -4.78 18.28 -31.45
CA GLY B 109 -4.93 18.15 -32.88
C GLY B 109 -6.24 18.80 -33.28
N ASN B 110 -6.48 18.93 -34.58
CA ASN B 110 -7.74 19.49 -35.05
C ASN B 110 -8.63 18.28 -35.36
N TYR B 111 -9.86 18.29 -34.84
CA TYR B 111 -10.75 17.16 -35.05
C TYR B 111 -12.08 17.56 -35.67
N MET B 112 -12.01 18.42 -36.67
CA MET B 112 -13.18 18.85 -37.41
C MET B 112 -13.55 17.71 -38.36
N ASN B 113 -12.53 17.18 -39.01
CA ASN B 113 -12.71 16.09 -39.95
C ASN B 113 -11.97 14.83 -39.58
N ARG B 114 -11.66 14.71 -38.30
CA ARG B 114 -11.00 13.53 -37.78
C ARG B 114 -11.72 13.10 -36.54
N VAL B 115 -11.91 11.80 -36.32
CA VAL B 115 -12.46 11.32 -35.07
C VAL B 115 -11.19 10.72 -34.44
N PRO B 116 -10.92 11.08 -33.20
CA PRO B 116 -9.77 10.58 -32.44
C PRO B 116 -9.92 9.16 -31.86
N PRO B 117 -8.80 8.55 -31.54
CA PRO B 117 -8.68 7.15 -31.14
C PRO B 117 -9.41 6.78 -29.88
N PRO B 118 -9.93 5.58 -29.76
CA PRO B 118 -10.65 5.19 -28.56
C PRO B 118 -9.73 5.23 -27.37
N ARG B 119 -8.49 4.80 -27.51
CA ARG B 119 -7.61 4.92 -26.35
C ARG B 119 -7.60 6.35 -25.79
N ALA B 120 -7.64 7.34 -26.67
CA ALA B 120 -7.64 8.72 -26.21
C ALA B 120 -8.97 9.03 -25.54
N LEU B 121 -10.00 8.29 -25.94
CA LEU B 121 -11.30 8.47 -25.34
C LEU B 121 -11.25 7.84 -23.95
N ARG B 122 -10.65 6.66 -23.86
CA ARG B 122 -10.53 5.95 -22.59
C ARG B 122 -9.69 6.76 -21.61
N ALA B 123 -8.59 7.33 -22.10
CA ALA B 123 -7.73 8.13 -21.25
C ALA B 123 -8.50 9.33 -20.68
N ALA B 124 -9.39 9.89 -21.49
CA ALA B 124 -10.19 11.04 -21.07
C ALA B 124 -11.12 10.71 -19.91
N GLN B 125 -11.86 9.61 -20.05
CA GLN B 125 -12.78 9.16 -19.01
C GLN B 125 -11.94 8.91 -17.78
N ASN B 126 -10.88 8.14 -17.99
CA ASN B 126 -9.93 7.77 -16.95
C ASN B 126 -9.51 9.02 -16.17
N LEU B 127 -9.29 10.12 -16.89
CA LEU B 127 -8.88 11.38 -16.26
C LEU B 127 -10.00 11.92 -15.38
N LEU B 128 -11.21 11.88 -15.85
CA LEU B 128 -12.37 12.42 -15.15
C LEU B 128 -12.74 11.60 -13.91
N ALA B 129 -12.58 10.28 -14.01
CA ALA B 129 -12.85 9.37 -12.89
C ALA B 129 -11.85 9.58 -11.75
N CYS B 130 -10.57 9.73 -12.10
CA CYS B 130 -9.50 10.01 -11.14
C CYS B 130 -9.58 11.45 -10.60
N GLY B 131 -10.34 12.30 -11.28
CA GLY B 131 -10.61 13.66 -10.82
C GLY B 131 -11.57 13.70 -9.65
N VAL B 132 -12.55 12.78 -9.67
CA VAL B 132 -13.52 12.63 -8.58
C VAL B 132 -12.84 12.06 -7.33
N ALA B 133 -12.07 11.01 -7.60
CA ALA B 133 -11.31 10.33 -6.56
C ALA B 133 -10.49 11.32 -5.75
N LEU B 134 -9.99 12.35 -6.43
CA LEU B 134 -9.17 13.38 -5.81
C LEU B 134 -9.90 14.47 -5.03
N GLY B 135 -11.15 14.74 -5.39
CA GLY B 135 -11.90 15.77 -4.68
C GLY B 135 -11.95 17.04 -5.53
N ALA B 136 -11.29 16.96 -6.68
CA ALA B 136 -11.23 18.08 -7.62
C ALA B 136 -12.54 18.17 -8.41
N LEU B 137 -12.98 17.05 -8.95
CA LEU B 137 -14.23 17.00 -9.70
C LEU B 137 -15.33 16.54 -8.75
N ARG B 138 -16.37 17.34 -8.61
CA ARG B 138 -17.45 16.95 -7.69
C ARG B 138 -17.90 15.60 -8.23
N SER B 139 -18.09 14.65 -7.31
CA SER B 139 -18.52 13.28 -7.62
C SER B 139 -19.61 13.20 -8.67
N ASN B 140 -20.50 14.19 -8.71
CA ASN B 140 -21.58 14.20 -9.68
C ASN B 140 -21.32 15.15 -10.85
N TYR B 141 -20.05 15.30 -11.21
CA TYR B 141 -19.55 16.18 -12.29
C TYR B 141 -20.32 16.18 -13.62
N GLU B 142 -20.20 17.32 -14.32
CA GLU B 142 -20.88 17.57 -15.59
C GLU B 142 -19.93 18.02 -16.72
N VAL B 143 -20.28 17.65 -17.96
CA VAL B 143 -19.47 17.93 -19.17
C VAL B 143 -20.13 18.74 -20.31
N LYS B 144 -19.42 19.76 -20.82
CA LYS B 144 -19.92 20.59 -21.92
C LYS B 144 -18.86 20.73 -23.02
N GLY B 145 -19.28 21.11 -24.22
CA GLY B 145 -18.32 21.27 -25.32
C GLY B 145 -17.80 22.70 -25.40
N HIS B 146 -16.68 22.91 -26.10
CA HIS B 146 -16.15 24.25 -26.21
C HIS B 146 -17.10 25.19 -26.93
N ARG B 147 -17.70 24.71 -28.03
CA ARG B 147 -18.63 25.55 -28.78
C ARG B 147 -19.96 25.77 -28.06
N ASP B 148 -20.20 25.00 -26.98
CA ASP B 148 -21.43 25.15 -26.20
C ASP B 148 -21.35 26.42 -25.36
N VAL B 149 -20.17 27.01 -25.29
CA VAL B 149 -19.99 28.18 -24.44
C VAL B 149 -19.16 29.34 -24.99
N GLN B 150 -18.75 29.27 -26.26
CA GLN B 150 -17.96 30.34 -26.86
C GLN B 150 -18.13 30.35 -28.37
N PRO B 151 -17.95 31.53 -29.01
CA PRO B 151 -18.07 31.64 -30.47
C PRO B 151 -16.90 30.95 -31.18
N THR B 152 -16.80 29.65 -30.99
CA THR B 152 -15.72 28.86 -31.57
C THR B 152 -16.18 27.58 -32.26
N LEU B 153 -15.27 26.96 -33.00
CA LEU B 153 -15.59 25.71 -33.68
C LEU B 153 -15.09 24.55 -32.82
N SER B 154 -14.14 24.80 -31.94
CA SER B 154 -13.54 23.77 -31.12
C SER B 154 -14.65 23.09 -30.33
N PRO B 155 -14.60 21.77 -30.14
CA PRO B 155 -13.47 20.87 -30.38
C PRO B 155 -13.36 20.16 -31.72
N GLY B 156 -14.19 20.51 -32.69
CA GLY B 156 -14.21 19.86 -33.97
C GLY B 156 -15.46 19.03 -34.08
N ASP B 157 -16.05 19.03 -35.26
CA ASP B 157 -17.32 18.32 -35.45
C ASP B 157 -17.31 16.85 -35.11
N ARG B 158 -16.35 16.09 -35.62
CA ARG B 158 -16.32 14.69 -35.29
C ARG B 158 -16.12 14.51 -33.80
N LEU B 159 -15.23 15.31 -33.22
CA LEU B 159 -14.91 15.17 -31.81
C LEU B 159 -16.12 15.58 -30.97
N TYR B 160 -16.69 16.73 -31.31
CA TYR B 160 -17.85 17.27 -30.60
C TYR B 160 -19.02 16.28 -30.57
N GLU B 161 -19.27 15.62 -31.70
CA GLU B 161 -20.38 14.67 -31.81
C GLU B 161 -20.38 13.51 -30.80
N ILE B 162 -19.25 12.86 -30.64
CA ILE B 162 -19.15 11.77 -29.70
C ILE B 162 -19.28 12.18 -28.26
N ILE B 163 -18.90 13.39 -27.95
CA ILE B 163 -18.89 13.89 -26.57
C ILE B 163 -20.33 13.96 -26.05
N GLN B 164 -21.29 14.00 -26.98
CA GLN B 164 -22.70 14.08 -26.63
C GLN B 164 -23.23 12.70 -26.23
N THR B 165 -22.63 11.65 -26.79
CA THR B 165 -23.03 10.27 -26.50
C THR B 165 -22.73 9.83 -25.07
N TRP B 166 -21.90 10.60 -24.39
CA TRP B 166 -21.46 10.30 -23.03
C TRP B 166 -22.53 10.21 -21.96
N SER B 167 -22.17 9.56 -20.84
CA SER B 167 -23.10 9.42 -19.73
C SER B 167 -23.04 10.70 -18.89
N HIS B 168 -21.99 10.86 -18.10
CA HIS B 168 -21.84 12.04 -17.25
C HIS B 168 -22.22 13.37 -17.89
N TYR B 169 -22.11 13.46 -19.20
CA TYR B 169 -22.49 14.66 -19.95
C TYR B 169 -23.87 15.21 -19.62
N ARG B 170 -23.99 16.52 -19.55
CA ARG B 170 -25.29 17.14 -19.27
C ARG B 170 -25.59 18.04 -20.47
N ALA B 171 -26.71 17.78 -21.13
CA ALA B 171 -27.12 18.53 -22.33
C ALA B 171 -26.86 20.04 -22.25
N GLU C 1 20.89 -39.72 11.06
CA GLU C 1 19.67 -38.86 11.11
C GLU C 1 18.49 -39.58 11.77
N ASP C 2 18.76 -40.17 12.94
CA ASP C 2 17.79 -41.00 13.67
C ASP C 2 16.41 -40.35 13.79
N PRO C 3 15.33 -41.15 13.56
CA PRO C 3 13.97 -40.62 13.45
C PRO C 3 13.17 -40.57 14.77
N PRO C 4 12.76 -39.36 15.17
CA PRO C 4 11.83 -39.15 16.28
C PRO C 4 10.48 -38.57 15.84
N ALA C 5 9.41 -39.33 16.03
CA ALA C 5 8.06 -38.85 15.75
C ALA C 5 7.57 -37.96 16.89
N CYS C 6 8.24 -36.83 17.06
CA CYS C 6 7.94 -36.00 18.20
C CYS C 6 6.79 -35.03 17.93
N GLY C 7 5.99 -35.34 16.92
CA GLY C 7 4.88 -34.47 16.60
C GLY C 7 3.60 -34.62 17.42
N SER C 8 3.63 -34.22 18.69
CA SER C 8 2.41 -34.25 19.51
C SER C 8 1.81 -32.87 19.22
N ILE C 9 1.89 -32.54 17.94
CA ILE C 9 1.41 -31.28 17.39
C ILE C 9 0.12 -31.54 16.63
N VAL C 10 -0.89 -30.73 16.92
CA VAL C 10 -2.18 -30.87 16.26
C VAL C 10 -2.08 -30.16 14.89
N PRO C 11 -2.32 -30.91 13.80
CA PRO C 11 -2.26 -30.35 12.44
C PRO C 11 -3.33 -29.30 12.14
N ARG C 12 -3.04 -28.44 11.17
CA ARG C 12 -3.97 -27.39 10.74
C ARG C 12 -5.36 -27.97 10.43
N ARG C 13 -5.37 -29.05 9.65
CA ARG C 13 -6.61 -29.71 9.26
C ARG C 13 -7.39 -30.15 10.48
N GLU C 14 -6.69 -30.64 11.49
CA GLU C 14 -7.36 -31.11 12.70
C GLU C 14 -8.00 -29.98 13.52
N TRP C 15 -7.38 -28.79 13.56
CA TRP C 15 -8.06 -27.73 14.29
C TRP C 15 -8.90 -26.89 13.32
N ARG C 16 -9.05 -27.41 12.11
CA ARG C 16 -9.85 -26.80 11.05
C ARG C 16 -9.44 -25.42 10.61
N ALA C 17 -8.14 -25.18 10.52
CA ALA C 17 -7.64 -23.89 10.10
C ALA C 17 -8.01 -23.56 8.65
N LEU C 18 -8.08 -22.26 8.35
CA LEU C 18 -8.36 -21.84 6.99
C LEU C 18 -7.07 -22.14 6.21
N ALA C 19 -7.18 -22.32 4.91
CA ALA C 19 -5.98 -22.60 4.12
C ALA C 19 -5.09 -21.38 4.17
N SER C 20 -3.77 -21.59 4.06
CA SER C 20 -2.80 -20.52 4.10
C SER C 20 -2.36 -20.08 2.71
N GLU C 21 -2.04 -18.78 2.62
CA GLU C 21 -1.60 -18.18 1.36
C GLU C 21 -0.17 -17.70 1.50
N CYS C 22 0.46 -18.03 2.63
CA CYS C 22 1.84 -17.63 2.88
C CYS C 22 2.77 -18.57 2.11
N ARG C 23 3.85 -18.06 1.54
CA ARG C 23 4.76 -18.91 0.78
C ARG C 23 6.22 -18.66 1.08
N GLU C 24 6.55 -17.53 1.68
CA GLU C 24 7.94 -17.27 2.00
C GLU C 24 8.47 -18.25 3.03
N ARG C 25 9.73 -18.65 2.87
CA ARG C 25 10.32 -19.64 3.75
C ARG C 25 11.38 -19.19 4.73
N LEU C 26 11.49 -19.98 5.80
CA LEU C 26 12.47 -19.76 6.84
C LEU C 26 13.60 -20.70 6.42
N THR C 27 14.83 -20.23 6.52
CA THR C 27 15.93 -21.09 6.15
C THR C 27 16.31 -21.85 7.41
N ARG C 28 16.29 -23.18 7.36
CA ARG C 28 16.66 -23.95 8.53
C ARG C 28 18.15 -24.27 8.43
N PRO C 29 18.83 -24.42 9.58
CA PRO C 29 18.23 -24.30 10.92
C PRO C 29 18.07 -22.87 11.46
N VAL C 30 16.89 -22.59 11.99
CA VAL C 30 16.59 -21.27 12.56
C VAL C 30 17.32 -21.13 13.91
N ARG C 31 17.83 -19.93 14.17
CA ARG C 31 18.59 -19.64 15.39
C ARG C 31 17.74 -19.13 16.57
N TYR C 32 16.62 -18.49 16.29
CA TYR C 32 15.81 -17.92 17.35
C TYR C 32 14.38 -18.39 17.55
N VAL C 33 13.90 -18.17 18.77
CA VAL C 33 12.53 -18.48 19.12
C VAL C 33 12.03 -17.24 19.89
N VAL C 34 10.92 -16.67 19.43
CA VAL C 34 10.37 -15.54 20.14
C VAL C 34 9.04 -15.99 20.70
N VAL C 35 8.92 -15.83 22.02
CA VAL C 35 7.72 -16.23 22.74
C VAL C 35 6.82 -15.06 23.06
N SER C 36 5.56 -15.23 22.67
CA SER C 36 4.55 -14.20 22.87
C SER C 36 3.34 -14.87 23.45
N HIS C 37 2.35 -14.07 23.80
CA HIS C 37 1.09 -14.62 24.25
C HIS C 37 0.14 -13.89 23.32
N THR C 38 -1.07 -14.41 23.19
CA THR C 38 -2.04 -13.83 22.29
C THR C 38 -2.65 -12.62 22.97
N ALA C 39 -2.64 -12.66 24.29
CA ALA C 39 -3.19 -11.57 25.10
C ALA C 39 -4.68 -11.79 25.09
N GLY C 40 -5.11 -12.79 24.31
CA GLY C 40 -6.51 -13.11 24.23
C GLY C 40 -6.84 -14.06 25.37
N SER C 41 -7.92 -14.83 25.20
CA SER C 41 -8.37 -15.79 26.20
C SER C 41 -7.66 -17.15 26.13
N HIS C 42 -7.68 -17.87 27.24
CA HIS C 42 -7.09 -19.20 27.25
C HIS C 42 -8.14 -20.28 26.95
N CYS C 43 -7.69 -21.53 26.85
CA CYS C 43 -8.57 -22.65 26.56
C CYS C 43 -7.90 -23.86 27.20
N ASP C 44 -8.67 -24.70 27.87
CA ASP C 44 -8.08 -25.87 28.51
C ASP C 44 -8.54 -27.24 27.99
N THR C 45 -9.01 -27.30 26.75
CA THR C 45 -9.47 -28.57 26.15
C THR C 45 -9.27 -28.55 24.65
N PRO C 46 -8.91 -29.71 24.07
CA PRO C 46 -8.70 -29.78 22.62
C PRO C 46 -9.81 -29.09 21.84
N ALA C 47 -11.04 -29.36 22.24
CA ALA C 47 -12.20 -28.76 21.59
C ALA C 47 -12.21 -27.22 21.68
N SER C 48 -12.03 -26.68 22.88
CA SER C 48 -12.02 -25.22 23.00
C SER C 48 -10.74 -24.63 22.43
N CYS C 49 -9.62 -25.30 22.61
CA CYS C 49 -8.36 -24.79 22.05
C CYS C 49 -8.38 -24.77 20.53
N ALA C 50 -9.10 -25.70 19.93
CA ALA C 50 -9.21 -25.75 18.48
C ALA C 50 -9.95 -24.51 18.08
N GLN C 51 -11.05 -24.22 18.77
CA GLN C 51 -11.81 -23.04 18.43
C GLN C 51 -10.97 -21.79 18.68
N GLN C 52 -10.32 -21.71 19.84
CA GLN C 52 -9.51 -20.53 20.13
C GLN C 52 -8.47 -20.28 19.06
N ALA C 53 -7.92 -21.34 18.47
CA ALA C 53 -6.90 -21.18 17.42
C ALA C 53 -7.59 -20.67 16.15
N GLN C 54 -8.86 -21.02 16.00
CA GLN C 54 -9.63 -20.56 14.86
C GLN C 54 -9.85 -19.07 14.98
N ASN C 55 -10.17 -18.63 16.18
CA ASN C 55 -10.39 -17.22 16.45
C ASN C 55 -9.13 -16.42 16.20
N VAL C 56 -8.00 -16.85 16.77
CA VAL C 56 -6.76 -16.11 16.54
C VAL C 56 -6.46 -16.05 15.05
N GLN C 57 -6.62 -17.16 14.34
CA GLN C 57 -6.36 -17.14 12.91
C GLN C 57 -7.33 -16.19 12.22
N SER C 58 -8.59 -16.24 12.67
CA SER C 58 -9.64 -15.40 12.13
C SER C 58 -9.22 -13.93 12.20
N TYR C 59 -8.91 -13.48 13.41
CA TYR C 59 -8.46 -12.11 13.61
C TYR C 59 -7.35 -11.74 12.62
N HIS C 60 -6.31 -12.55 12.55
CA HIS C 60 -5.19 -12.28 11.64
C HIS C 60 -5.56 -12.32 10.15
N VAL C 61 -6.38 -13.29 9.75
CA VAL C 61 -6.73 -13.43 8.34
C VAL C 61 -7.89 -12.57 7.89
N ARG C 62 -8.97 -12.55 8.67
CA ARG C 62 -10.11 -11.74 8.28
C ARG C 62 -9.91 -10.27 8.67
N ASN C 63 -9.67 -9.99 9.94
CA ASN C 63 -9.49 -8.61 10.37
C ASN C 63 -8.21 -7.96 9.86
N LEU C 64 -7.06 -8.60 10.04
CA LEU C 64 -5.80 -8.01 9.59
C LEU C 64 -5.43 -8.26 8.13
N GLY C 65 -6.12 -9.19 7.47
CA GLY C 65 -5.86 -9.47 6.07
C GLY C 65 -4.58 -10.22 5.72
N TRP C 66 -3.99 -10.88 6.70
CA TRP C 66 -2.77 -11.65 6.50
C TRP C 66 -2.97 -12.99 5.78
N CYS C 67 -1.88 -13.51 5.22
CA CYS C 67 -1.94 -14.79 4.50
C CYS C 67 -2.29 -15.97 5.41
N ASP C 68 -1.94 -15.88 6.69
CA ASP C 68 -2.26 -16.94 7.66
C ASP C 68 -2.04 -16.41 9.07
N VAL C 69 -2.41 -17.20 10.07
CA VAL C 69 -2.20 -16.83 11.48
C VAL C 69 -0.69 -16.50 11.54
N GLY C 70 -0.34 -15.47 12.30
CA GLY C 70 1.04 -15.02 12.34
C GLY C 70 2.11 -15.87 13.01
N TYR C 71 1.71 -16.76 13.91
CA TYR C 71 2.67 -17.58 14.61
C TYR C 71 3.01 -18.87 13.90
N ASN C 72 4.19 -19.41 14.19
CA ASN C 72 4.61 -20.66 13.59
C ASN C 72 3.91 -21.78 14.39
N PHE C 73 3.74 -21.55 15.68
CA PHE C 73 3.07 -22.48 16.58
C PHE C 73 2.34 -21.72 17.69
N LEU C 74 1.30 -22.34 18.23
CA LEU C 74 0.54 -21.77 19.33
C LEU C 74 0.44 -22.83 20.42
N ILE C 75 0.43 -22.40 21.68
CA ILE C 75 0.33 -23.32 22.81
C ILE C 75 -0.99 -23.12 23.52
N GLY C 76 -1.68 -24.23 23.82
CA GLY C 76 -2.96 -24.14 24.51
C GLY C 76 -2.72 -24.61 25.92
N GLU C 77 -3.63 -24.27 26.83
CA GLU C 77 -3.48 -24.70 28.22
C GLU C 77 -4.03 -26.13 28.37
N ASP C 78 -4.37 -26.74 27.24
CA ASP C 78 -4.85 -28.11 27.21
C ASP C 78 -3.63 -29.01 27.11
N GLY C 79 -2.45 -28.38 27.03
CA GLY C 79 -1.20 -29.11 26.95
C GLY C 79 -0.83 -29.57 25.56
N LEU C 80 -1.48 -29.00 24.54
CA LEU C 80 -1.19 -29.38 23.15
C LEU C 80 -0.62 -28.20 22.35
N VAL C 81 0.06 -28.54 21.27
CA VAL C 81 0.65 -27.53 20.40
C VAL C 81 -0.16 -27.50 19.10
N TYR C 82 -0.49 -26.31 18.63
CA TYR C 82 -1.23 -26.14 17.42
C TYR C 82 -0.35 -25.66 16.33
N GLU C 83 -0.41 -26.28 15.18
CA GLU C 83 0.38 -25.90 14.05
C GLU C 83 -0.11 -24.59 13.45
N GLY C 84 0.81 -23.63 13.37
CA GLY C 84 0.48 -22.35 12.77
C GLY C 84 1.10 -22.39 11.38
N ARG C 85 2.12 -21.58 11.17
CA ARG C 85 2.81 -21.56 9.89
C ARG C 85 3.85 -22.68 9.81
N GLY C 86 4.09 -23.36 10.93
CA GLY C 86 5.05 -24.44 10.99
C GLY C 86 6.52 -24.04 10.98
N TRP C 87 7.38 -25.05 10.77
CA TRP C 87 8.84 -24.91 10.77
C TRP C 87 9.46 -24.27 9.55
N ASN C 88 8.78 -24.37 8.40
CA ASN C 88 9.36 -23.87 7.16
C ASN C 88 8.82 -22.57 6.60
N ILE C 89 7.76 -22.05 7.19
CA ILE C 89 7.18 -20.82 6.70
C ILE C 89 7.40 -19.65 7.68
N LYS C 90 7.89 -18.55 7.13
CA LYS C 90 8.16 -17.34 7.93
C LYS C 90 6.90 -16.79 8.57
N GLY C 91 6.97 -16.59 9.88
CA GLY C 91 5.83 -16.04 10.60
C GLY C 91 5.73 -14.54 10.50
N ALA C 92 4.69 -13.99 11.10
CA ALA C 92 4.44 -12.55 11.13
C ALA C 92 4.09 -12.34 12.59
N HIS C 93 5.09 -12.30 13.45
CA HIS C 93 4.85 -12.20 14.89
C HIS C 93 5.79 -11.28 15.63
N ALA C 94 6.96 -11.01 15.06
CA ALA C 94 7.90 -10.14 15.78
C ALA C 94 8.68 -9.15 14.95
N GLY C 95 8.19 -8.78 13.76
CA GLY C 95 8.89 -7.79 12.95
C GLY C 95 9.75 -8.27 11.79
N PRO C 96 10.21 -7.34 10.93
CA PRO C 96 11.04 -7.59 9.75
C PRO C 96 12.49 -7.98 10.03
N THR C 97 12.96 -7.67 11.22
CA THR C 97 14.32 -8.04 11.56
C THR C 97 14.30 -9.42 12.21
N TRP C 98 13.23 -9.71 12.94
CA TRP C 98 13.12 -10.97 13.64
C TRP C 98 12.31 -12.11 13.01
N ASN C 99 11.26 -11.82 12.25
CA ASN C 99 10.50 -12.93 11.66
C ASN C 99 11.29 -13.86 10.76
N PRO C 100 12.17 -13.29 9.92
CA PRO C 100 12.94 -14.19 9.04
C PRO C 100 14.05 -15.01 9.68
N ILE C 101 14.31 -14.82 10.97
CA ILE C 101 15.38 -15.57 11.62
C ILE C 101 14.92 -16.27 12.88
N SER C 102 13.61 -16.28 13.11
CA SER C 102 13.06 -16.89 14.32
C SER C 102 11.81 -17.73 14.10
N ILE C 103 11.53 -18.56 15.10
CA ILE C 103 10.30 -19.35 15.10
C ILE C 103 9.45 -18.66 16.17
N GLY C 104 8.27 -18.23 15.80
CA GLY C 104 7.40 -17.58 16.76
C GLY C 104 6.37 -18.54 17.37
N ILE C 105 6.47 -18.77 18.67
CA ILE C 105 5.48 -19.61 19.35
C ILE C 105 4.73 -18.70 20.31
N SER C 106 3.42 -18.89 20.41
CA SER C 106 2.58 -18.06 21.24
C SER C 106 1.63 -18.85 22.12
N PHE C 107 1.67 -18.60 23.42
CA PHE C 107 0.77 -19.26 24.34
C PHE C 107 -0.58 -18.53 24.24
N MET C 108 -1.64 -19.28 23.99
CA MET C 108 -2.96 -18.69 23.86
C MET C 108 -3.49 -18.35 25.23
N GLY C 109 -3.62 -17.06 25.48
CA GLY C 109 -4.08 -16.59 26.76
C GLY C 109 -3.38 -15.28 27.08
N ASN C 110 -3.59 -14.80 28.30
CA ASN C 110 -2.98 -13.55 28.72
C ASN C 110 -2.27 -13.84 30.01
N TYR C 111 -0.98 -13.63 30.02
CA TYR C 111 -0.19 -14.00 31.14
C TYR C 111 0.35 -12.86 31.99
N MET C 112 -0.38 -11.78 32.10
CA MET C 112 0.04 -10.62 32.89
C MET C 112 -0.04 -10.98 34.38
N ASN C 113 -1.08 -11.74 34.74
CA ASN C 113 -1.31 -12.15 36.12
C ASN C 113 -1.58 -13.64 36.29
N ARG C 114 -1.21 -14.45 35.30
CA ARG C 114 -1.40 -15.91 35.36
C ARG C 114 -0.17 -16.58 34.79
N VAL C 115 0.18 -17.72 35.38
CA VAL C 115 1.28 -18.52 34.85
C VAL C 115 0.57 -19.55 33.98
N PRO C 116 1.19 -19.95 32.88
CA PRO C 116 0.49 -20.96 32.09
C PRO C 116 0.66 -22.24 32.92
N PRO C 117 -0.26 -23.19 32.77
CA PRO C 117 -0.11 -24.44 33.53
C PRO C 117 1.12 -25.25 33.13
N PRO C 118 1.66 -26.08 34.05
CA PRO C 118 2.85 -26.88 33.73
C PRO C 118 2.79 -27.62 32.39
N ARG C 119 1.62 -28.14 32.04
CA ARG C 119 1.55 -28.89 30.78
C ARG C 119 1.66 -27.98 29.56
N ALA C 120 1.29 -26.70 29.69
CA ALA C 120 1.42 -25.80 28.55
C ALA C 120 2.91 -25.54 28.34
N LEU C 121 3.63 -25.41 29.45
CA LEU C 121 5.08 -25.18 29.46
C LEU C 121 5.82 -26.43 28.98
N ARG C 122 5.38 -27.62 29.42
CA ARG C 122 6.03 -28.84 28.98
C ARG C 122 5.88 -28.99 27.46
N ALA C 123 4.71 -28.59 26.96
CA ALA C 123 4.43 -28.69 25.54
C ALA C 123 5.33 -27.75 24.76
N ALA C 124 5.60 -26.59 25.34
CA ALA C 124 6.45 -25.62 24.68
C ALA C 124 7.88 -26.16 24.64
N GLN C 125 8.38 -26.59 25.80
CA GLN C 125 9.73 -27.12 25.85
C GLN C 125 9.85 -28.37 24.97
N ASN C 126 8.85 -29.24 25.01
CA ASN C 126 8.87 -30.45 24.19
C ASN C 126 8.88 -30.07 22.70
N LEU C 127 8.17 -29.00 22.35
CA LEU C 127 8.12 -28.51 20.97
C LEU C 127 9.47 -27.97 20.48
N LEU C 128 10.26 -27.38 21.38
CA LEU C 128 11.57 -26.86 20.99
C LEU C 128 12.57 -27.99 20.83
N ALA C 129 12.56 -28.93 21.76
CA ALA C 129 13.45 -30.08 21.68
C ALA C 129 13.17 -30.75 20.34
N CYS C 130 11.90 -30.84 20.00
CA CYS C 130 11.46 -31.46 18.75
C CYS C 130 12.08 -30.75 17.59
N GLY C 131 11.92 -29.42 17.56
CA GLY C 131 12.49 -28.61 16.50
C GLY C 131 13.98 -28.87 16.40
N VAL C 132 14.64 -29.13 17.53
CA VAL C 132 16.06 -29.41 17.50
C VAL C 132 16.33 -30.80 16.91
N ALA C 133 15.54 -31.78 17.31
CA ALA C 133 15.67 -33.14 16.84
C ALA C 133 15.57 -33.16 15.31
N LEU C 134 14.70 -32.32 14.76
CA LEU C 134 14.47 -32.26 13.31
C LEU C 134 15.40 -31.37 12.50
N GLY C 135 16.25 -30.61 13.18
CA GLY C 135 17.15 -29.74 12.47
C GLY C 135 16.44 -28.45 12.05
N ALA C 136 15.24 -28.23 12.55
CA ALA C 136 14.49 -27.02 12.24
C ALA C 136 15.09 -25.85 13.03
N LEU C 137 15.63 -26.17 14.21
CA LEU C 137 16.25 -25.18 15.08
C LEU C 137 17.73 -25.55 15.31
N ARG C 138 18.56 -24.54 15.57
CA ARG C 138 19.95 -24.83 15.87
C ARG C 138 19.90 -25.45 17.26
N SER C 139 20.83 -26.35 17.55
CA SER C 139 20.87 -27.00 18.84
C SER C 139 21.15 -25.95 19.91
N ASN C 140 21.85 -24.89 19.50
CA ASN C 140 22.17 -23.80 20.41
C ASN C 140 21.31 -22.58 20.11
N TYR C 141 20.02 -22.81 19.87
CA TYR C 141 19.08 -21.74 19.54
C TYR C 141 18.84 -20.83 20.74
N GLU C 142 18.48 -19.57 20.47
CA GLU C 142 18.22 -18.59 21.53
C GLU C 142 16.76 -18.16 21.62
N VAL C 143 16.23 -18.14 22.85
CA VAL C 143 14.85 -17.73 23.10
C VAL C 143 14.77 -16.26 23.51
N LYS C 144 13.77 -15.55 22.98
CA LYS C 144 13.54 -14.14 23.31
C LYS C 144 12.09 -14.00 23.71
N GLY C 145 11.83 -13.06 24.62
CA GLY C 145 10.47 -12.78 25.03
C GLY C 145 10.07 -11.78 23.97
N HIS C 146 8.79 -11.73 23.61
CA HIS C 146 8.34 -10.79 22.61
C HIS C 146 8.71 -9.34 23.00
N ARG C 147 8.64 -9.03 24.29
CA ARG C 147 8.95 -7.68 24.73
C ARG C 147 10.43 -7.31 24.55
N ASP C 148 11.28 -8.30 24.30
CA ASP C 148 12.71 -8.04 24.11
C ASP C 148 13.06 -7.56 22.71
N VAL C 149 12.17 -7.74 21.75
CA VAL C 149 12.48 -7.33 20.38
C VAL C 149 11.45 -6.42 19.75
N GLN C 150 10.34 -6.22 20.46
CA GLN C 150 9.27 -5.37 19.98
C GLN C 150 8.65 -4.72 21.21
N PRO C 151 8.12 -3.50 21.05
CA PRO C 151 7.52 -2.88 22.23
C PRO C 151 6.12 -3.44 22.41
N THR C 152 5.96 -4.22 23.47
CA THR C 152 4.69 -4.88 23.78
C THR C 152 4.77 -5.44 25.19
N LEU C 153 3.60 -5.68 25.79
CA LEU C 153 3.57 -6.24 27.11
C LEU C 153 3.79 -7.75 26.94
N SER C 154 3.57 -8.28 25.75
CA SER C 154 3.69 -9.70 25.46
C SER C 154 5.08 -10.20 25.75
N PRO C 155 5.25 -11.38 26.33
CA PRO C 155 4.26 -12.43 26.54
C PRO C 155 3.55 -12.43 27.85
N GLY C 156 3.64 -11.35 28.59
CA GLY C 156 3.01 -11.22 29.86
C GLY C 156 4.03 -11.36 30.93
N ASP C 157 3.84 -10.65 32.02
CA ASP C 157 4.78 -10.66 33.15
C ASP C 157 5.16 -12.01 33.75
N ARG C 158 4.17 -12.80 34.16
CA ARG C 158 4.48 -14.09 34.77
C ARG C 158 5.18 -14.99 33.76
N LEU C 159 4.63 -15.08 32.55
CA LEU C 159 5.22 -15.90 31.49
C LEU C 159 6.60 -15.39 31.15
N TYR C 160 6.76 -14.07 31.07
CA TYR C 160 8.08 -13.49 30.77
C TYR C 160 9.04 -13.88 31.90
N GLU C 161 8.57 -13.79 33.13
CA GLU C 161 9.38 -14.14 34.27
C GLU C 161 9.93 -15.54 34.06
N ILE C 162 9.05 -16.45 33.65
CA ILE C 162 9.44 -17.85 33.46
C ILE C 162 10.43 -18.16 32.35
N ILE C 163 10.23 -17.60 31.15
CA ILE C 163 11.18 -17.93 30.11
C ILE C 163 12.58 -17.39 30.37
N GLN C 164 12.68 -16.36 31.20
CA GLN C 164 14.00 -15.82 31.52
C GLN C 164 14.81 -16.86 32.30
N THR C 165 14.12 -17.76 32.99
CA THR C 165 14.81 -18.80 33.74
C THR C 165 15.19 -19.97 32.83
N TRP C 166 14.85 -19.87 31.54
CA TRP C 166 15.11 -20.94 30.58
C TRP C 166 16.52 -21.03 30.02
N SER C 167 17.00 -22.26 29.99
CA SER C 167 18.31 -22.63 29.48
C SER C 167 18.76 -21.83 28.25
N HIS C 168 17.93 -21.84 27.20
CA HIS C 168 18.25 -21.14 25.96
C HIS C 168 17.87 -19.66 25.87
N TYR C 169 17.45 -19.07 26.98
CA TYR C 169 17.10 -17.66 26.99
C TYR C 169 18.33 -16.74 27.02
N ARG C 170 18.38 -15.79 26.10
CA ARG C 170 19.47 -14.81 26.04
C ARG C 170 18.80 -13.50 25.64
N ALA C 171 18.81 -12.52 26.53
CA ALA C 171 18.18 -11.23 26.27
C ALA C 171 18.96 -10.35 25.31
N GLU D 1 -4.47 32.41 9.04
CA GLU D 1 -3.50 32.85 8.05
C GLU D 1 -2.19 32.08 8.03
N ASP D 2 -1.10 32.82 8.20
CA ASP D 2 0.25 32.28 8.13
C ASP D 2 1.11 33.11 9.07
N PRO D 3 2.34 32.70 9.38
CA PRO D 3 3.01 31.56 8.71
C PRO D 3 2.63 30.21 9.31
N PRO D 4 2.67 30.08 10.63
CA PRO D 4 2.09 28.90 11.27
C PRO D 4 0.90 29.21 12.18
N ALA D 5 0.09 28.17 12.45
CA ALA D 5 -1.04 28.24 13.39
C ALA D 5 -1.54 26.84 13.73
N CYS D 6 -0.85 26.16 14.64
CA CYS D 6 -1.17 24.77 14.96
C CYS D 6 -0.82 24.39 16.40
N GLY D 7 -1.38 23.27 16.88
CA GLY D 7 -1.19 22.78 18.24
C GLY D 7 0.26 22.66 18.70
N SER D 8 0.46 22.79 20.02
CA SER D 8 1.82 22.86 20.59
C SER D 8 2.37 21.53 21.10
N ILE D 9 3.69 21.38 20.93
CA ILE D 9 4.40 20.14 21.26
C ILE D 9 5.62 20.46 22.12
N VAL D 10 5.88 19.59 23.10
CA VAL D 10 7.12 19.64 23.88
C VAL D 10 8.25 19.09 23.02
N PRO D 11 9.27 19.92 22.72
CA PRO D 11 10.36 19.51 21.83
C PRO D 11 11.30 18.49 22.48
N ARG D 12 12.03 17.76 21.64
CA ARG D 12 12.97 16.74 22.13
C ARG D 12 13.87 17.22 23.27
N ARG D 13 14.55 18.36 23.08
CA ARG D 13 15.42 18.91 24.11
C ARG D 13 14.65 19.07 25.41
N GLU D 14 13.48 19.70 25.33
CA GLU D 14 12.69 19.93 26.54
C GLU D 14 12.46 18.63 27.33
N TRP D 15 12.04 17.54 26.69
CA TRP D 15 11.87 16.32 27.48
C TRP D 15 13.18 15.54 27.75
N ARG D 16 14.28 15.97 27.13
CA ARG D 16 15.62 15.38 27.29
C ARG D 16 15.88 14.06 26.58
N ALA D 17 15.45 13.99 25.33
CA ALA D 17 15.62 12.82 24.50
C ALA D 17 17.09 12.64 24.13
N LEU D 18 17.47 11.40 23.82
CA LEU D 18 18.82 11.15 23.38
C LEU D 18 18.70 11.52 21.91
N ALA D 19 19.79 11.77 21.23
CA ALA D 19 19.68 12.16 19.83
C ALA D 19 19.23 10.99 18.96
N SER D 20 18.35 11.27 18.02
CA SER D 20 17.88 10.23 17.12
C SER D 20 19.01 9.88 16.17
N GLU D 21 18.97 8.67 15.64
CA GLU D 21 19.97 8.20 14.69
C GLU D 21 19.19 7.73 13.47
N CYS D 22 17.87 7.83 13.59
CA CYS D 22 16.99 7.43 12.51
C CYS D 22 17.24 8.32 11.31
N ARG D 23 17.29 7.72 10.13
CA ARG D 23 17.52 8.47 8.90
C ARG D 23 16.35 8.38 7.93
N GLU D 24 15.76 7.20 7.78
CA GLU D 24 14.64 7.01 6.85
C GLU D 24 13.52 8.03 7.03
N ARG D 25 12.96 8.51 5.92
CA ARG D 25 11.93 9.55 5.96
C ARG D 25 10.58 9.26 5.28
N LEU D 26 9.52 9.84 5.86
CA LEU D 26 8.17 9.69 5.32
C LEU D 26 8.00 10.69 4.18
N THR D 27 7.13 10.34 3.23
CA THR D 27 6.85 11.23 2.12
C THR D 27 5.65 12.04 2.58
N ARG D 28 5.64 13.35 2.36
CA ARG D 28 4.49 14.14 2.78
C ARG D 28 3.69 14.61 1.58
N PRO D 29 2.38 14.81 1.77
CA PRO D 29 1.63 14.63 3.01
C PRO D 29 1.23 13.17 3.27
N VAL D 30 1.23 12.76 4.54
CA VAL D 30 0.91 11.40 4.95
C VAL D 30 -0.59 11.12 5.02
N ARG D 31 -0.99 9.96 4.48
CA ARG D 31 -2.40 9.56 4.46
C ARG D 31 -2.93 8.90 5.73
N TYR D 32 -2.05 8.26 6.50
CA TYR D 32 -2.50 7.55 7.70
C TYR D 32 -1.94 7.94 9.05
N VAL D 33 -2.75 7.73 10.08
CA VAL D 33 -2.38 7.99 11.46
C VAL D 33 -2.76 6.74 12.25
N VAL D 34 -1.81 6.18 12.99
CA VAL D 34 -2.08 5.00 13.80
C VAL D 34 -1.99 5.31 15.28
N VAL D 35 -3.06 5.02 15.99
CA VAL D 35 -3.17 5.29 17.41
C VAL D 35 -2.92 4.07 18.28
N SER D 36 -1.92 4.18 19.13
CA SER D 36 -1.56 3.12 20.05
C SER D 36 -1.52 3.69 21.46
N HIS D 37 -1.22 2.83 22.42
CA HIS D 37 -1.04 3.26 23.78
C HIS D 37 0.27 2.55 24.12
N THR D 38 1.08 3.15 24.98
CA THR D 38 2.36 2.58 25.36
C THR D 38 2.13 1.35 26.24
N ALA D 39 0.92 1.24 26.76
CA ALA D 39 0.52 0.12 27.61
C ALA D 39 1.13 0.11 29.00
N GLY D 40 1.93 1.12 29.34
CA GLY D 40 2.53 1.18 30.66
C GLY D 40 1.82 2.16 31.57
N SER D 41 2.55 2.76 32.51
CA SER D 41 1.92 3.73 33.40
C SER D 41 1.69 5.05 32.69
N HIS D 42 0.72 5.80 33.21
CA HIS D 42 0.34 7.11 32.68
C HIS D 42 1.03 8.20 33.49
N CYS D 43 0.96 9.44 33.00
CA CYS D 43 1.58 10.59 33.67
C CYS D 43 0.68 11.80 33.49
N ASP D 44 0.40 12.53 34.56
CA ASP D 44 -0.47 13.69 34.41
C ASP D 44 0.16 15.06 34.68
N THR D 45 1.49 15.16 34.54
CA THR D 45 2.20 16.44 34.74
C THR D 45 3.31 16.58 33.70
N PRO D 46 3.73 17.82 33.43
CA PRO D 46 4.81 18.05 32.46
C PRO D 46 6.12 17.39 32.93
N ALA D 47 6.28 17.30 34.24
CA ALA D 47 7.45 16.71 34.87
C ALA D 47 7.47 15.19 34.74
N SER D 48 6.39 14.54 35.15
CA SER D 48 6.35 13.08 35.08
C SER D 48 6.20 12.58 33.65
N CYS D 49 5.54 13.35 32.81
CA CYS D 49 5.33 12.97 31.42
C CYS D 49 6.61 13.03 30.57
N ALA D 50 7.54 13.89 30.97
CA ALA D 50 8.80 14.04 30.24
C ALA D 50 9.64 12.85 30.66
N GLN D 51 9.50 12.52 31.93
CA GLN D 51 10.19 11.41 32.56
C GLN D 51 9.74 10.12 31.88
N GLN D 52 8.44 10.07 31.63
CA GLN D 52 7.76 8.95 30.99
C GLN D 52 8.29 8.80 29.57
N ALA D 53 8.34 9.91 28.84
CA ALA D 53 8.84 9.89 27.47
C ALA D 53 10.29 9.44 27.43
N GLN D 54 11.01 9.66 28.52
CA GLN D 54 12.41 9.26 28.61
C GLN D 54 12.43 7.75 28.65
N ASN D 55 11.68 7.20 29.60
CA ASN D 55 11.61 5.76 29.78
C ASN D 55 11.25 5.04 28.47
N VAL D 56 10.10 5.35 27.90
CA VAL D 56 9.68 4.75 26.63
C VAL D 56 10.81 4.78 25.63
N GLN D 57 11.44 5.95 25.51
CA GLN D 57 12.53 6.10 24.55
C GLN D 57 13.75 5.26 24.93
N SER D 58 14.00 5.15 26.22
CA SER D 58 15.14 4.38 26.70
C SER D 58 14.96 2.92 26.29
N TYR D 59 13.76 2.40 26.55
CA TYR D 59 13.41 1.02 26.21
C TYR D 59 13.61 0.72 24.73
N HIS D 60 13.12 1.60 23.86
CA HIS D 60 13.24 1.40 22.43
C HIS D 60 14.64 1.52 21.90
N VAL D 61 15.42 2.43 22.48
CA VAL D 61 16.78 2.63 22.03
C VAL D 61 17.77 1.77 22.80
N ARG D 62 17.77 1.88 24.13
CA ARG D 62 18.69 1.08 24.93
C ARG D 62 18.41 -0.43 24.87
N ASN D 63 17.15 -0.84 24.91
CA ASN D 63 16.80 -2.26 24.92
C ASN D 63 16.45 -2.98 23.62
N LEU D 64 15.94 -2.26 22.63
CA LEU D 64 15.57 -2.89 21.37
C LEU D 64 16.58 -2.52 20.30
N GLY D 65 17.46 -1.58 20.65
CA GLY D 65 18.48 -1.13 19.73
C GLY D 65 17.96 -0.30 18.56
N TRP D 66 16.90 0.47 18.76
CA TRP D 66 16.38 1.31 17.68
C TRP D 66 17.03 2.68 17.64
N CYS D 67 17.06 3.25 16.44
CA CYS D 67 17.64 4.56 16.21
C CYS D 67 17.00 5.67 17.05
N ASP D 68 15.74 5.46 17.46
CA ASP D 68 15.04 6.46 18.27
C ASP D 68 13.72 5.88 18.78
N VAL D 69 13.07 6.60 19.69
CA VAL D 69 11.81 6.13 20.21
C VAL D 69 10.96 5.79 18.97
N GLY D 70 10.17 4.73 19.06
CA GLY D 70 9.37 4.29 17.93
C GLY D 70 8.30 5.22 17.41
N TYR D 71 7.62 5.92 18.31
CA TYR D 71 6.54 6.82 17.92
C TYR D 71 6.96 8.13 17.35
N ASN D 72 6.09 8.67 16.50
CA ASN D 72 6.31 9.97 15.88
C ASN D 72 5.98 11.03 16.96
N PHE D 73 4.92 10.78 17.74
CA PHE D 73 4.50 11.68 18.81
C PHE D 73 3.86 10.89 19.95
N LEU D 74 4.02 11.40 21.18
CA LEU D 74 3.40 10.76 22.33
C LEU D 74 2.42 11.77 22.90
N ILE D 75 1.43 11.28 23.64
CA ILE D 75 0.43 12.17 24.23
C ILE D 75 0.36 11.85 25.71
N GLY D 76 0.62 12.85 26.55
CA GLY D 76 0.59 12.61 27.99
C GLY D 76 -0.76 12.99 28.53
N GLU D 77 -1.07 12.57 29.74
CA GLU D 77 -2.35 12.90 30.34
C GLU D 77 -2.26 14.29 30.95
N ASP D 78 -1.07 14.89 30.80
CA ASP D 78 -0.84 16.24 31.31
C ASP D 78 -1.45 17.23 30.31
N GLY D 79 -1.73 16.74 29.09
CA GLY D 79 -2.34 17.55 28.05
C GLY D 79 -1.36 18.05 27.00
N LEU D 80 -0.13 17.54 27.06
CA LEU D 80 0.89 17.93 26.12
C LEU D 80 1.37 16.82 25.17
N VAL D 81 1.65 17.22 23.94
CA VAL D 81 2.15 16.33 22.92
C VAL D 81 3.67 16.29 23.04
N TYR D 82 4.25 15.11 22.86
CA TYR D 82 5.69 14.97 22.98
C TYR D 82 6.33 14.58 21.66
N GLU D 83 7.24 15.42 21.20
CA GLU D 83 7.93 15.15 19.94
C GLU D 83 8.71 13.84 20.02
N GLY D 84 8.49 12.99 19.02
CA GLY D 84 9.17 11.72 18.93
C GLY D 84 9.99 11.76 17.66
N ARG D 85 9.52 11.08 16.62
CA ARG D 85 10.25 11.09 15.37
C ARG D 85 9.78 12.26 14.52
N GLY D 86 8.70 12.91 14.97
CA GLY D 86 8.19 14.05 14.25
C GLY D 86 7.43 13.69 13.00
N TRP D 87 7.08 14.71 12.23
CA TRP D 87 6.33 14.58 10.98
C TRP D 87 7.09 14.02 9.79
N ASN D 88 8.43 14.01 9.86
CA ASN D 88 9.23 13.58 8.73
C ASN D 88 9.93 12.25 8.77
N ILE D 89 10.23 11.75 9.97
CA ILE D 89 10.94 10.48 10.09
C ILE D 89 10.02 9.26 10.24
N LYS D 90 10.30 8.23 9.44
CA LYS D 90 9.52 7.00 9.49
C LYS D 90 9.63 6.43 10.91
N GLY D 91 8.49 6.14 11.53
CA GLY D 91 8.55 5.59 12.87
C GLY D 91 8.53 4.08 12.81
N ALA D 92 8.58 3.45 13.98
CA ALA D 92 8.51 2.00 14.11
C ALA D 92 7.45 1.75 15.17
N HIS D 93 6.19 1.74 14.76
CA HIS D 93 5.10 1.59 15.72
C HIS D 93 4.00 0.66 15.24
N ALA D 94 3.86 0.51 13.93
CA ALA D 94 2.81 -0.33 13.37
C ALA D 94 3.26 -1.38 12.35
N GLY D 95 4.55 -1.71 12.35
CA GLY D 95 5.01 -2.72 11.41
C GLY D 95 5.50 -2.20 10.08
N PRO D 96 6.13 -3.06 9.27
CA PRO D 96 6.70 -2.80 7.95
C PRO D 96 5.76 -2.19 6.92
N THR D 97 4.46 -2.46 7.05
CA THR D 97 3.49 -1.94 6.10
C THR D 97 2.94 -0.55 6.38
N TRP D 98 2.72 -0.23 7.65
CA TRP D 98 2.18 1.07 8.01
C TRP D 98 3.23 2.08 8.44
N ASN D 99 4.36 1.61 8.98
CA ASN D 99 5.39 2.55 9.41
C ASN D 99 5.75 3.55 8.30
N PRO D 100 5.97 3.07 7.07
CA PRO D 100 6.31 3.98 5.97
C PRO D 100 5.17 4.82 5.38
N ILE D 101 3.92 4.58 5.79
CA ILE D 101 2.82 5.38 5.24
C ILE D 101 1.93 6.02 6.30
N SER D 102 2.42 6.05 7.55
CA SER D 102 1.64 6.62 8.62
C SER D 102 2.44 7.46 9.61
N ILE D 103 1.71 8.11 10.51
CA ILE D 103 2.28 8.91 11.59
C ILE D 103 1.81 8.15 12.83
N GLY D 104 2.73 7.67 13.65
CA GLY D 104 2.29 6.94 14.81
C GLY D 104 2.19 7.74 16.10
N ILE D 105 0.96 7.93 16.60
CA ILE D 105 0.81 8.64 17.85
C ILE D 105 0.36 7.64 18.92
N SER D 106 1.02 7.72 20.08
CA SER D 106 0.71 6.84 21.17
C SER D 106 0.44 7.59 22.47
N PHE D 107 -0.72 7.34 23.07
CA PHE D 107 -1.07 7.95 24.34
C PHE D 107 -0.24 7.21 25.39
N MET D 108 0.27 7.92 26.37
CA MET D 108 1.09 7.28 27.38
C MET D 108 0.27 6.69 28.51
N GLY D 109 0.21 5.37 28.54
CA GLY D 109 -0.55 4.69 29.57
C GLY D 109 -1.24 3.47 29.01
N ASN D 110 -2.10 2.85 29.82
CA ASN D 110 -2.84 1.66 29.42
C ASN D 110 -4.34 1.99 29.47
N TYR D 111 -5.01 1.87 28.32
CA TYR D 111 -6.42 2.22 28.22
C TYR D 111 -7.42 1.08 28.02
N MET D 112 -7.06 -0.09 28.54
CA MET D 112 -7.93 -1.27 28.44
C MET D 112 -9.21 -1.06 29.25
N ASN D 113 -9.07 -0.59 30.48
CA ASN D 113 -10.23 -0.35 31.33
C ASN D 113 -10.25 1.07 31.89
N ARG D 114 -9.60 1.99 31.18
CA ARG D 114 -9.51 3.40 31.57
C ARG D 114 -9.47 4.27 30.31
N VAL D 115 -10.00 5.49 30.41
CA VAL D 115 -9.99 6.39 29.28
C VAL D 115 -9.05 7.54 29.59
N PRO D 116 -8.47 8.17 28.56
CA PRO D 116 -7.57 9.29 28.80
C PRO D 116 -8.43 10.50 29.15
N PRO D 117 -7.93 11.40 30.01
CA PRO D 117 -8.71 12.59 30.38
C PRO D 117 -8.94 13.45 29.15
N PRO D 118 -9.99 14.27 29.17
CA PRO D 118 -10.30 15.15 28.03
C PRO D 118 -9.12 15.91 27.41
N ARG D 119 -8.23 16.47 28.23
CA ARG D 119 -7.10 17.23 27.69
C ARG D 119 -6.14 16.39 26.84
N ALA D 120 -5.98 15.12 27.19
CA ALA D 120 -5.09 14.28 26.39
C ALA D 120 -5.73 14.15 25.02
N LEU D 121 -7.05 13.98 25.01
CA LEU D 121 -7.77 13.84 23.76
C LEU D 121 -7.70 15.13 22.94
N ARG D 122 -7.91 16.30 23.55
CA ARG D 122 -7.82 17.55 22.79
C ARG D 122 -6.42 17.68 22.18
N ALA D 123 -5.40 17.32 22.94
CA ALA D 123 -4.03 17.39 22.47
C ALA D 123 -3.88 16.58 21.18
N ALA D 124 -4.33 15.33 21.21
CA ALA D 124 -4.24 14.43 20.08
C ALA D 124 -4.96 14.96 18.86
N GLN D 125 -6.18 15.46 19.04
CA GLN D 125 -6.93 15.99 17.91
C GLN D 125 -6.37 17.33 17.45
N ASN D 126 -5.76 18.05 18.38
CA ASN D 126 -5.13 19.34 18.11
C ASN D 126 -4.01 19.03 17.12
N LEU D 127 -3.16 18.10 17.54
CA LEU D 127 -2.01 17.63 16.78
C LEU D 127 -2.32 17.23 15.35
N LEU D 128 -3.39 16.51 15.14
CA LEU D 128 -3.83 16.06 13.82
C LEU D 128 -4.25 17.24 12.95
N ALA D 129 -4.96 18.19 13.55
CA ALA D 129 -5.34 19.44 12.89
C ALA D 129 -4.12 20.28 12.56
N CYS D 130 -3.09 20.17 13.41
CA CYS D 130 -1.80 20.82 13.16
C CYS D 130 -1.08 20.20 11.98
N GLY D 131 -1.04 18.86 12.06
CA GLY D 131 -0.46 18.14 10.95
C GLY D 131 -1.09 18.43 9.59
N VAL D 132 -2.41 18.58 9.58
CA VAL D 132 -3.09 18.88 8.33
C VAL D 132 -2.71 20.27 7.84
N ALA D 133 -2.73 21.22 8.76
CA ALA D 133 -2.38 22.61 8.45
C ALA D 133 -0.96 22.74 7.90
N LEU D 134 -0.08 21.85 8.36
CA LEU D 134 1.32 21.87 7.94
C LEU D 134 1.57 21.13 6.64
N GLY D 135 0.53 20.46 6.14
CA GLY D 135 0.71 19.71 4.92
C GLY D 135 1.58 18.49 5.19
N ALA D 136 1.64 18.08 6.46
CA ALA D 136 2.41 16.91 6.83
C ALA D 136 1.46 15.71 6.71
N LEU D 137 0.17 16.00 6.79
CA LEU D 137 -0.88 14.99 6.70
C LEU D 137 -1.88 15.37 5.62
N ARG D 138 -2.43 14.38 4.93
CA ARG D 138 -3.42 14.66 3.92
C ARG D 138 -4.65 15.22 4.62
N SER D 139 -5.45 16.00 3.88
CA SER D 139 -6.65 16.58 4.46
C SER D 139 -7.73 15.52 4.57
N ASN D 140 -7.56 14.43 3.83
CA ASN D 140 -8.51 13.32 3.87
C ASN D 140 -7.79 12.12 4.46
N TYR D 141 -6.93 12.39 5.44
CA TYR D 141 -6.14 11.37 6.12
C TYR D 141 -7.04 10.45 6.91
N GLU D 142 -6.52 9.30 7.30
CA GLU D 142 -7.30 8.29 8.03
C GLU D 142 -6.64 7.81 9.31
N VAL D 143 -7.46 7.58 10.33
CA VAL D 143 -6.99 7.08 11.60
C VAL D 143 -7.36 5.61 11.77
N LYS D 144 -6.42 4.82 12.26
CA LYS D 144 -6.66 3.40 12.52
C LYS D 144 -6.19 3.18 13.95
N GLY D 145 -6.81 2.24 14.64
CA GLY D 145 -6.34 1.93 15.97
C GLY D 145 -5.18 0.96 15.70
N HIS D 146 -4.27 0.82 16.65
CA HIS D 146 -3.13 -0.08 16.48
C HIS D 146 -3.61 -1.52 16.20
N ARG D 147 -4.59 -1.99 16.98
CA ARG D 147 -5.13 -3.34 16.82
C ARG D 147 -5.77 -3.61 15.46
N ASP D 148 -6.04 -2.55 14.69
CA ASP D 148 -6.66 -2.70 13.38
C ASP D 148 -5.63 -3.04 12.32
N VAL D 149 -4.35 -2.99 12.69
CA VAL D 149 -3.30 -3.27 11.71
C VAL D 149 -2.18 -4.16 12.24
N GLN D 150 -2.23 -4.45 13.53
CA GLN D 150 -1.24 -5.30 14.16
C GLN D 150 -2.02 -6.10 15.17
N PRO D 151 -1.49 -7.27 15.54
CA PRO D 151 -2.15 -8.10 16.53
C PRO D 151 -1.68 -7.51 17.86
N THR D 152 -2.60 -6.88 18.57
CA THR D 152 -2.30 -6.24 19.82
C THR D 152 -3.58 -5.73 20.48
N LEU D 153 -3.54 -5.49 21.79
CA LEU D 153 -4.72 -4.95 22.46
C LEU D 153 -4.67 -3.42 22.33
N SER D 154 -3.51 -2.90 21.97
CA SER D 154 -3.33 -1.47 21.81
C SER D 154 -4.30 -1.00 20.71
N PRO D 155 -4.87 0.21 20.85
CA PRO D 155 -4.69 1.23 21.90
C PRO D 155 -5.46 1.06 23.21
N GLY D 156 -6.05 -0.11 23.46
CA GLY D 156 -6.82 -0.29 24.69
C GLY D 156 -8.30 -0.14 24.38
N ASP D 157 -9.12 -1.01 24.94
CA ASP D 157 -10.55 -0.99 24.65
C ASP D 157 -11.23 0.35 24.79
N ARG D 158 -11.05 1.02 25.93
CA ARG D 158 -11.71 2.30 26.13
C ARG D 158 -11.23 3.32 25.11
N LEU D 159 -9.91 3.46 24.94
CA LEU D 159 -9.41 4.40 23.96
C LEU D 159 -9.87 4.01 22.55
N TYR D 160 -9.55 2.79 22.14
CA TYR D 160 -9.95 2.32 20.81
C TYR D 160 -11.42 2.66 20.59
N GLU D 161 -12.21 2.47 21.63
CA GLU D 161 -13.64 2.75 21.59
C GLU D 161 -13.87 4.22 21.22
N ILE D 162 -13.11 5.09 21.85
CA ILE D 162 -13.21 6.53 21.61
C ILE D 162 -12.81 6.95 20.19
N ILE D 163 -11.71 6.42 19.67
CA ILE D 163 -11.29 6.84 18.34
C ILE D 163 -12.16 6.33 17.20
N GLN D 164 -13.05 5.38 17.50
CA GLN D 164 -13.94 4.85 16.48
C GLN D 164 -14.95 5.94 16.13
N THR D 165 -15.13 6.87 17.05
CA THR D 165 -16.06 7.98 16.88
C THR D 165 -15.49 9.15 16.07
N TRP D 166 -14.18 9.18 15.89
CA TRP D 166 -13.50 10.27 15.19
C TRP D 166 -13.80 10.46 13.72
N SER D 167 -13.93 11.73 13.33
CA SER D 167 -14.21 12.12 11.95
C SER D 167 -13.34 11.44 10.91
N HIS D 168 -12.09 11.16 11.25
CA HIS D 168 -11.20 10.54 10.27
C HIS D 168 -10.91 9.06 10.48
N TYR D 169 -11.62 8.41 11.38
CA TYR D 169 -11.40 6.98 11.63
C TYR D 169 -11.91 6.12 10.50
N ARG D 170 -11.07 5.23 9.99
CA ARG D 170 -11.53 4.35 8.93
C ARG D 170 -11.13 2.89 9.15
N ALA D 171 -12.15 2.07 9.42
CA ALA D 171 -11.93 0.64 9.60
C ALA D 171 -11.78 0.06 8.19
C1 NDG E . 5.54 -8.54 10.50
C2 NDG E . 4.44 -7.50 10.81
C3 NDG E . 3.26 -7.52 9.83
C4 NDG E . 3.72 -7.72 8.37
C5 NDG E . 4.53 -9.02 8.35
C6 NDG E . 4.87 -9.49 6.93
C7 NDG E . 4.37 -7.86 13.30
C8 NDG E . 3.48 -8.35 14.40
O5 NDG E . 5.74 -8.79 9.09
O3 NDG E . 2.37 -6.42 10.09
O4 NDG E . 2.57 -7.86 7.50
O6 NDG E . 3.71 -10.16 6.37
O7 NDG E . 5.51 -7.43 13.52
N2 NDG E . 3.81 -7.92 12.08
O1 NDG E . 5.47 -9.68 11.35
O1 TLA F . -0.51 -3.07 23.86
O11 TLA F . -2.07 -3.59 25.31
C1 TLA F . -1.00 -3.83 24.73
C2 TLA F . -0.26 -5.08 25.10
O2 TLA F . 1.03 -5.11 24.45
C3 TLA F . -1.07 -6.29 24.66
O3 TLA F . -1.15 -6.35 23.23
C4 TLA F . -0.43 -7.55 25.19
O4 TLA F . 0.27 -8.24 24.41
O41 TLA F . -0.63 -7.86 26.39
C1 GOL G . 2.39 -1.23 23.55
O1 GOL G . 2.27 -2.53 24.11
C2 GOL G . 2.76 -1.34 22.06
O2 GOL G . 1.96 -2.33 21.44
C3 GOL G . 2.53 0.00 21.38
O3 GOL G . 3.56 0.21 20.44
N DGN H . -3.14 -4.22 6.47
CA DGN H . -4.59 -4.05 6.65
C DGN H . -5.03 -3.50 7.98
O DGN H . -6.25 -3.25 8.17
OXT DGN H . -4.15 -3.27 8.85
CB DGN H . -4.92 -3.07 5.52
CG DGN H . -6.39 -3.07 5.09
CD DGN H . -6.92 -1.65 5.14
OE1 DGN H . -7.62 -1.30 6.09
NE2 DGN H . -6.60 -0.84 4.14
N ALA I . 0.37 -4.99 7.46
CA ALA I . -0.84 -4.82 6.65
C ALA I . -2.25 -4.87 7.22
O ALA I . -2.51 -5.48 8.25
CB ALA I . -0.73 -5.83 5.51
C LAC J . 0.61 -5.56 8.64
CA LAC J . 2.08 -5.51 9.02
CB LAC J . 2.45 -4.09 9.43
O LAC J . -0.21 -6.09 9.37
#